data_1SUW
#
_entry.id   1SUW
#
_cell.length_a   122.141
_cell.length_b   122.141
_cell.length_c   198.595
_cell.angle_alpha   90.00
_cell.angle_beta   90.00
_cell.angle_gamma   90.00
#
_symmetry.space_group_name_H-M   'P 41 21 2'
#
loop_
_entity.id
_entity.type
_entity.pdbx_description
1 polymer 'Probable inorganic polyphosphate/ATP-NAD kinase'
2 non-polymer 'NADP NICOTINAMIDE-ADENINE-DINUCLEOTIDE PHOSPHATE'
3 water water
#
_entity_poly.entity_id   1
_entity_poly.type   'polypeptide(L)'
_entity_poly.pdbx_seq_one_letter_code
;MRAAVVYKTDGHVKRIEEALKRLEVEVELFNQPSEELENFDFIVSVGGDGTILRILQKLKRCPPIFGINTGRVGLLTHAS
PENFEVELKKAVEKFEVERFPRVSCSAMPDVLALNEIAVLSRKPAKMIDVALRVDGVEVDRIRCDGFIVATQIGSTGYAF
SAGGPVVEPYLECFILIPIAPFRFGWKPYVVSMERKIEVIAEKAIVVADGQKSVDFDGEITIEKSEFPAVFFKNEKRFRN
LFGKVRSIG
;
_entity_poly.pdbx_strand_id   A,B,C,D
#
loop_
_chem_comp.id
_chem_comp.type
_chem_comp.name
_chem_comp.formula
NAP non-polymer 'NADP NICOTINAMIDE-ADENINE-DINUCLEOTIDE PHOSPHATE' 'C21 H28 N7 O17 P3'
#
# COMPACT_ATOMS: atom_id res chain seq x y z
N MET A 1 -39.85 8.57 -30.64
CA MET A 1 -38.55 8.41 -29.90
C MET A 1 -37.86 9.76 -29.72
N ARG A 2 -37.85 10.24 -28.48
CA ARG A 2 -37.23 11.52 -28.11
C ARG A 2 -36.07 11.36 -27.11
N ALA A 3 -35.00 12.12 -27.31
CA ALA A 3 -33.84 12.06 -26.45
C ALA A 3 -33.34 13.42 -26.00
N ALA A 4 -32.81 13.49 -24.78
CA ALA A 4 -32.27 14.73 -24.24
C ALA A 4 -30.75 14.70 -24.33
N VAL A 5 -30.18 15.80 -24.83
CA VAL A 5 -28.74 15.95 -24.96
C VAL A 5 -28.22 16.92 -23.92
N VAL A 6 -27.52 16.39 -22.91
CA VAL A 6 -26.95 17.22 -21.84
C VAL A 6 -25.48 17.47 -22.12
N TYR A 7 -25.07 18.74 -22.04
CA TYR A 7 -23.70 19.13 -22.30
C TYR A 7 -23.15 20.12 -21.29
N LYS A 8 -21.83 20.16 -21.18
CA LYS A 8 -21.17 21.08 -20.26
C LYS A 8 -20.66 22.28 -21.04
N THR A 9 -20.44 22.10 -22.34
CA THR A 9 -19.95 23.18 -23.21
C THR A 9 -20.50 23.00 -24.63
N ASP A 10 -20.56 24.09 -25.39
CA ASP A 10 -21.08 24.07 -26.76
C ASP A 10 -20.41 23.01 -27.62
N GLY A 11 -19.28 22.49 -27.14
CA GLY A 11 -18.53 21.46 -27.84
C GLY A 11 -19.06 20.95 -29.17
N HIS A 12 -19.51 19.70 -29.18
CA HIS A 12 -20.01 19.07 -30.39
C HIS A 12 -21.53 18.93 -30.40
N VAL A 13 -22.22 19.83 -29.72
CA VAL A 13 -23.68 19.79 -29.66
C VAL A 13 -24.31 19.78 -31.04
N LYS A 14 -23.78 20.59 -31.94
CA LYS A 14 -24.29 20.70 -33.29
C LYS A 14 -24.27 19.37 -34.04
N ARG A 15 -23.07 18.80 -34.18
CA ARG A 15 -22.91 17.54 -34.89
C ARG A 15 -23.69 16.39 -34.26
N ILE A 16 -23.89 16.45 -32.94
CA ILE A 16 -24.64 15.41 -32.24
C ILE A 16 -26.13 15.56 -32.55
N GLU A 17 -26.55 16.80 -32.76
CA GLU A 17 -27.95 17.10 -33.06
C GLU A 17 -28.32 16.59 -34.45
N GLU A 18 -27.42 16.78 -35.40
CA GLU A 18 -27.63 16.32 -36.75
C GLU A 18 -27.58 14.80 -36.79
N ALA A 19 -26.69 14.23 -35.98
CA ALA A 19 -26.53 12.79 -35.92
C ALA A 19 -27.82 12.10 -35.47
N LEU A 20 -28.51 12.70 -34.50
CA LEU A 20 -29.77 12.15 -34.00
C LEU A 20 -30.93 12.49 -34.93
N LYS A 21 -30.91 13.69 -35.50
CA LYS A 21 -31.95 14.11 -36.44
C LYS A 21 -31.90 13.07 -37.56
N ARG A 22 -30.68 12.83 -38.04
CA ARG A 22 -30.44 11.86 -39.11
C ARG A 22 -30.85 10.45 -38.66
N LEU A 23 -31.43 10.34 -37.46
CA LEU A 23 -31.86 9.05 -36.94
C LEU A 23 -33.34 9.05 -36.56
N GLU A 24 -34.05 10.10 -36.94
CA GLU A 24 -35.46 10.23 -36.63
C GLU A 24 -35.74 10.22 -35.13
N VAL A 25 -34.84 10.84 -34.39
CA VAL A 25 -34.99 10.95 -32.94
C VAL A 25 -35.17 12.44 -32.62
N GLU A 26 -36.27 12.74 -31.93
CA GLU A 26 -36.58 14.11 -31.55
C GLU A 26 -35.64 14.49 -30.40
N VAL A 27 -34.94 15.61 -30.53
CA VAL A 27 -34.01 16.02 -29.49
C VAL A 27 -34.34 17.34 -28.79
N GLU A 28 -33.72 17.53 -27.63
CA GLU A 28 -33.89 18.74 -26.82
C GLU A 28 -32.60 19.00 -26.07
N LEU A 29 -32.20 20.26 -26.00
CA LEU A 29 -30.96 20.65 -25.34
C LEU A 29 -31.11 21.09 -23.88
N PHE A 30 -30.15 20.65 -23.06
CA PHE A 30 -30.13 20.99 -21.65
C PHE A 30 -28.75 21.47 -21.24
N ASN A 31 -28.67 22.68 -20.71
CA ASN A 31 -27.41 23.28 -20.27
C ASN A 31 -26.94 22.63 -18.98
N GLN A 32 -27.90 22.33 -18.11
CA GLN A 32 -27.62 21.69 -16.83
C GLN A 32 -28.71 20.67 -16.57
N PRO A 33 -28.36 19.53 -15.94
CA PRO A 33 -29.31 18.47 -15.62
C PRO A 33 -30.60 18.95 -14.99
N SER A 34 -31.68 18.24 -15.28
CA SER A 34 -33.00 18.58 -14.76
C SER A 34 -33.80 17.33 -14.46
N GLU A 35 -34.82 17.47 -13.63
CA GLU A 35 -35.68 16.35 -13.26
C GLU A 35 -36.56 15.98 -14.46
N GLU A 36 -36.48 16.80 -15.51
CA GLU A 36 -37.27 16.60 -16.73
C GLU A 36 -36.71 15.49 -17.60
N LEU A 37 -35.43 15.18 -17.41
CA LEU A 37 -34.77 14.14 -18.19
C LEU A 37 -35.51 12.80 -18.08
N GLU A 38 -36.29 12.65 -17.02
CA GLU A 38 -37.07 11.42 -16.80
C GLU A 38 -38.18 11.25 -17.84
N ASN A 39 -38.38 12.29 -18.66
CA ASN A 39 -39.43 12.29 -19.67
C ASN A 39 -38.93 12.02 -21.10
N PHE A 40 -37.77 11.37 -21.21
CA PHE A 40 -37.21 11.06 -22.53
C PHE A 40 -36.93 9.58 -22.69
N ASP A 41 -36.77 9.14 -23.93
CA ASP A 41 -36.52 7.74 -24.21
C ASP A 41 -35.08 7.38 -23.86
N PHE A 42 -34.17 8.34 -24.07
CA PHE A 42 -32.77 8.14 -23.73
C PHE A 42 -32.04 9.48 -23.59
N ILE A 43 -30.89 9.45 -22.93
CA ILE A 43 -30.11 10.65 -22.69
C ILE A 43 -28.71 10.53 -23.26
N VAL A 44 -28.26 11.61 -23.90
CA VAL A 44 -26.92 11.68 -24.47
C VAL A 44 -26.12 12.68 -23.63
N SER A 45 -25.05 12.19 -23.01
CA SER A 45 -24.20 12.99 -22.16
C SER A 45 -22.91 13.41 -22.88
N VAL A 46 -22.57 14.68 -22.75
CA VAL A 46 -21.35 15.19 -23.36
C VAL A 46 -20.49 15.84 -22.28
N GLY A 47 -19.35 15.22 -22.00
CA GLY A 47 -18.45 15.73 -20.98
C GLY A 47 -17.58 14.59 -20.47
N GLY A 48 -17.66 14.32 -19.17
CA GLY A 48 -16.88 13.24 -18.59
C GLY A 48 -17.70 12.40 -17.65
N ASP A 49 -17.06 11.59 -16.82
CA ASP A 49 -17.80 10.76 -15.86
C ASP A 49 -18.55 11.65 -14.88
N GLY A 50 -18.03 12.84 -14.64
CA GLY A 50 -18.67 13.75 -13.72
C GLY A 50 -20.00 14.21 -14.28
N THR A 51 -20.01 14.48 -15.57
CA THR A 51 -21.23 14.90 -16.23
C THR A 51 -22.31 13.85 -15.97
N ILE A 52 -21.93 12.59 -16.16
CA ILE A 52 -22.85 11.49 -15.94
C ILE A 52 -23.34 11.41 -14.49
N LEU A 53 -22.46 11.69 -13.54
CA LEU A 53 -22.84 11.64 -12.14
C LEU A 53 -23.83 12.75 -11.81
N ARG A 54 -23.59 13.94 -12.34
CA ARG A 54 -24.46 15.08 -12.09
C ARG A 54 -25.83 14.91 -12.75
N ILE A 55 -25.88 14.12 -13.82
CA ILE A 55 -27.15 13.87 -14.51
C ILE A 55 -27.97 12.86 -13.70
N LEU A 56 -27.29 11.88 -13.12
CA LEU A 56 -27.95 10.87 -12.33
C LEU A 56 -28.56 11.41 -11.04
N GLN A 57 -28.03 12.53 -10.55
CA GLN A 57 -28.57 13.12 -9.34
C GLN A 57 -30.02 13.56 -9.48
N LYS A 58 -30.45 13.80 -10.72
CA LYS A 58 -31.82 14.25 -10.96
C LYS A 58 -32.71 13.19 -11.58
N LEU A 59 -32.32 11.92 -11.42
CA LEU A 59 -33.10 10.82 -11.98
C LEU A 59 -33.36 9.67 -11.02
N LYS A 60 -34.62 9.36 -10.77
CA LYS A 60 -34.94 8.22 -9.94
C LYS A 60 -35.08 7.10 -10.98
N ARG A 61 -36.10 7.23 -11.84
CA ARG A 61 -36.31 6.28 -12.93
C ARG A 61 -35.25 6.75 -13.91
N CYS A 62 -34.45 5.83 -14.42
CA CYS A 62 -33.37 6.24 -15.31
C CYS A 62 -33.41 5.79 -16.77
N PRO A 63 -33.67 6.74 -17.68
CA PRO A 63 -33.68 6.33 -19.09
C PRO A 63 -32.24 6.00 -19.47
N PRO A 64 -32.05 5.12 -20.46
CA PRO A 64 -30.70 4.73 -20.89
C PRO A 64 -29.81 5.94 -21.15
N ILE A 65 -28.53 5.82 -20.79
CA ILE A 65 -27.59 6.91 -21.01
C ILE A 65 -26.49 6.51 -21.98
N PHE A 66 -26.17 7.43 -22.88
CA PHE A 66 -25.13 7.24 -23.88
C PHE A 66 -24.12 8.34 -23.59
N GLY A 67 -22.89 7.95 -23.26
CA GLY A 67 -21.87 8.94 -22.92
C GLY A 67 -20.78 9.20 -23.96
N ILE A 68 -20.54 10.47 -24.22
CA ILE A 68 -19.51 10.88 -25.15
C ILE A 68 -18.45 11.58 -24.31
N ASN A 69 -17.25 11.02 -24.29
CA ASN A 69 -16.15 11.53 -23.48
C ASN A 69 -15.35 12.70 -24.05
N THR A 70 -15.43 13.83 -23.36
CA THR A 70 -14.70 15.05 -23.72
C THR A 70 -13.30 15.00 -23.12
N GLY A 71 -13.19 14.45 -21.92
CA GLY A 71 -11.92 14.37 -21.21
C GLY A 71 -10.92 13.30 -21.65
N ARG A 72 -10.09 12.85 -20.71
CA ARG A 72 -9.07 11.84 -21.00
C ARG A 72 -9.48 10.40 -20.67
N VAL A 73 -10.21 10.21 -19.59
CA VAL A 73 -10.65 8.86 -19.20
C VAL A 73 -12.10 8.87 -18.75
N GLY A 74 -12.91 8.06 -19.41
CA GLY A 74 -14.31 7.99 -19.06
C GLY A 74 -14.79 6.56 -18.91
N LEU A 75 -14.68 6.02 -17.69
CA LEU A 75 -15.12 4.65 -17.44
C LEU A 75 -16.62 4.46 -17.62
N LEU A 76 -17.39 5.54 -17.58
CA LEU A 76 -18.84 5.47 -17.74
C LEU A 76 -19.24 5.88 -19.15
N THR A 77 -18.24 6.24 -19.96
CA THR A 77 -18.47 6.70 -21.32
C THR A 77 -18.61 5.60 -22.37
N HIS A 78 -19.15 5.98 -23.54
CA HIS A 78 -19.38 5.07 -24.65
C HIS A 78 -18.53 5.32 -25.89
N ALA A 79 -18.21 6.59 -26.14
CA ALA A 79 -17.40 6.95 -27.30
C ALA A 79 -16.83 8.34 -27.16
N SER A 80 -15.95 8.69 -28.09
CA SER A 80 -15.33 10.00 -28.09
C SER A 80 -15.93 10.77 -29.27
N PRO A 81 -15.66 12.08 -29.37
CA PRO A 81 -16.20 12.88 -30.46
C PRO A 81 -15.82 12.31 -31.84
N GLU A 82 -14.63 11.71 -31.92
CA GLU A 82 -14.12 11.13 -33.17
C GLU A 82 -15.01 10.07 -33.78
N ASN A 83 -15.75 9.33 -32.95
CA ASN A 83 -16.58 8.25 -33.47
C ASN A 83 -17.89 8.03 -32.72
N PHE A 84 -18.50 9.10 -32.21
CA PHE A 84 -19.76 8.93 -31.50
C PHE A 84 -20.88 8.62 -32.48
N GLU A 85 -20.84 9.27 -33.65
CA GLU A 85 -21.85 9.07 -34.66
C GLU A 85 -22.02 7.58 -34.98
N VAL A 86 -20.91 6.86 -35.07
CA VAL A 86 -20.94 5.44 -35.36
C VAL A 86 -21.57 4.66 -34.20
N GLU A 87 -20.95 4.77 -33.02
CA GLU A 87 -21.44 4.07 -31.83
C GLU A 87 -22.85 4.50 -31.44
N LEU A 88 -23.18 5.76 -31.67
CA LEU A 88 -24.49 6.28 -31.34
C LEU A 88 -25.54 5.50 -32.10
N LYS A 89 -25.33 5.33 -33.41
CA LYS A 89 -26.27 4.59 -34.25
C LYS A 89 -26.46 3.16 -33.81
N LYS A 90 -25.38 2.48 -33.41
CA LYS A 90 -25.48 1.10 -32.96
C LYS A 90 -26.26 1.04 -31.65
N ALA A 91 -26.11 2.07 -30.83
CA ALA A 91 -26.78 2.13 -29.54
C ALA A 91 -28.27 2.35 -29.72
N VAL A 92 -28.62 3.44 -30.40
CA VAL A 92 -30.00 3.79 -30.64
C VAL A 92 -30.76 2.76 -31.48
N GLU A 93 -30.04 1.99 -32.30
CA GLU A 93 -30.68 0.98 -33.15
C GLU A 93 -30.88 -0.36 -32.46
N LYS A 94 -29.91 -0.78 -31.65
CA LYS A 94 -30.05 -2.05 -30.95
C LYS A 94 -30.85 -1.79 -29.67
N PHE A 95 -30.65 -0.60 -29.11
CA PHE A 95 -31.28 -0.17 -27.88
C PHE A 95 -31.14 -1.25 -26.80
N GLU A 96 -29.91 -1.75 -26.65
CA GLU A 96 -29.60 -2.76 -25.64
C GLU A 96 -29.20 -2.02 -24.37
N VAL A 97 -29.84 -2.36 -23.25
CA VAL A 97 -29.60 -1.70 -21.98
C VAL A 97 -28.76 -2.48 -20.95
N GLU A 98 -28.13 -1.73 -20.05
CA GLU A 98 -27.28 -2.28 -18.99
C GLU A 98 -27.51 -1.53 -17.67
N ARG A 99 -27.67 -2.25 -16.58
CA ARG A 99 -27.94 -1.60 -15.29
C ARG A 99 -26.94 -1.80 -14.16
N PHE A 100 -26.69 -0.74 -13.40
CA PHE A 100 -25.78 -0.78 -12.25
C PHE A 100 -26.49 -0.20 -11.04
N PRO A 101 -26.35 -0.84 -9.87
CA PRO A 101 -26.98 -0.38 -8.64
C PRO A 101 -26.49 0.96 -8.12
N ARG A 102 -27.40 1.69 -7.47
CA ARG A 102 -27.09 2.95 -6.83
C ARG A 102 -27.55 2.76 -5.38
N VAL A 103 -26.81 3.33 -4.45
CA VAL A 103 -27.18 3.16 -3.06
C VAL A 103 -27.72 4.44 -2.52
N SER A 104 -28.35 4.37 -1.35
CA SER A 104 -28.91 5.55 -0.70
C SER A 104 -28.47 5.62 0.76
N CYS A 105 -28.42 6.85 1.26
CA CYS A 105 -28.02 7.12 2.63
C CYS A 105 -29.26 7.49 3.45
N SER A 106 -29.23 7.22 4.75
CA SER A 106 -30.37 7.56 5.60
C SER A 106 -30.38 9.06 5.98
N ALA A 107 -29.23 9.72 5.87
CA ALA A 107 -29.13 11.14 6.19
C ALA A 107 -29.71 11.99 5.08
N MET A 108 -29.78 11.42 3.88
CA MET A 108 -30.32 12.11 2.71
C MET A 108 -31.22 11.10 1.99
N PRO A 109 -32.40 10.84 2.55
CA PRO A 109 -33.42 9.90 2.05
C PRO A 109 -33.66 9.80 0.55
N ASP A 110 -33.62 10.92 -0.16
CA ASP A 110 -33.90 10.89 -1.58
C ASP A 110 -32.73 10.91 -2.57
N VAL A 111 -31.50 11.02 -2.06
CA VAL A 111 -30.36 11.04 -2.96
C VAL A 111 -29.91 9.63 -3.30
N LEU A 112 -29.42 9.46 -4.52
CA LEU A 112 -28.94 8.16 -4.97
C LEU A 112 -27.48 8.34 -5.35
N ALA A 113 -26.68 7.31 -5.10
CA ALA A 113 -25.26 7.35 -5.40
C ALA A 113 -24.85 6.14 -6.24
N LEU A 114 -23.99 6.37 -7.23
CA LEU A 114 -23.51 5.30 -8.12
C LEU A 114 -22.07 4.93 -7.75
N ASN A 115 -21.31 5.94 -7.34
CA ASN A 115 -19.92 5.76 -6.95
C ASN A 115 -19.77 5.40 -5.48
N GLU A 116 -20.15 6.33 -4.61
CA GLU A 116 -20.02 6.06 -3.18
C GLU A 116 -20.70 7.07 -2.27
N ILE A 117 -20.81 6.66 -1.02
CA ILE A 117 -21.34 7.51 0.03
C ILE A 117 -20.07 7.65 0.85
N ALA A 118 -19.61 8.88 1.04
CA ALA A 118 -18.39 9.10 1.80
C ALA A 118 -18.65 9.91 3.07
N VAL A 119 -18.05 9.47 4.17
CA VAL A 119 -18.20 10.16 5.45
C VAL A 119 -16.89 10.82 5.79
N LEU A 120 -16.85 12.14 5.76
CA LEU A 120 -15.62 12.86 6.04
C LEU A 120 -15.71 13.76 7.27
N SER A 121 -14.56 14.26 7.68
CA SER A 121 -14.50 15.17 8.81
C SER A 121 -15.02 16.52 8.31
N ARG A 122 -15.65 17.29 9.18
CA ARG A 122 -16.16 18.60 8.80
C ARG A 122 -15.03 19.60 8.59
N LYS A 123 -14.04 19.61 9.49
CA LYS A 123 -12.91 20.53 9.37
C LYS A 123 -11.72 19.81 8.74
N PRO A 124 -10.95 20.51 7.89
CA PRO A 124 -9.80 19.86 7.25
C PRO A 124 -8.71 19.60 8.29
N ALA A 125 -7.84 18.64 8.01
CA ALA A 125 -6.74 18.29 8.90
C ALA A 125 -7.20 17.85 10.28
N LYS A 126 -8.43 17.37 10.34
CA LYS A 126 -8.99 16.87 11.59
C LYS A 126 -9.53 15.47 11.39
N MET A 127 -9.15 14.56 12.28
CA MET A 127 -9.61 13.18 12.20
C MET A 127 -10.96 13.06 12.86
N ILE A 128 -11.66 11.97 12.54
CA ILE A 128 -12.95 11.67 13.16
C ILE A 128 -12.87 10.20 13.55
N ASP A 129 -13.62 9.82 14.58
CA ASP A 129 -13.63 8.44 15.05
C ASP A 129 -14.81 7.80 14.33
N VAL A 130 -14.52 6.82 13.48
CA VAL A 130 -15.56 6.16 12.72
C VAL A 130 -15.78 4.73 13.12
N ALA A 131 -17.03 4.37 13.38
CA ALA A 131 -17.39 3.01 13.76
C ALA A 131 -18.16 2.43 12.58
N LEU A 132 -17.85 1.18 12.23
CA LEU A 132 -18.50 0.54 11.10
C LEU A 132 -19.23 -0.74 11.46
N ARG A 133 -20.42 -0.91 10.91
CA ARG A 133 -21.21 -2.12 11.13
C ARG A 133 -21.90 -2.46 9.83
N VAL A 134 -21.92 -3.74 9.49
CA VAL A 134 -22.60 -4.19 8.30
C VAL A 134 -23.45 -5.35 8.77
N ASP A 135 -24.74 -5.28 8.46
CA ASP A 135 -25.71 -6.29 8.88
C ASP A 135 -25.73 -6.41 10.40
N GLY A 136 -25.60 -5.27 11.07
CA GLY A 136 -25.64 -5.25 12.52
C GLY A 136 -24.43 -5.77 13.28
N VAL A 137 -23.38 -6.20 12.59
CA VAL A 137 -22.22 -6.68 13.31
C VAL A 137 -21.08 -5.67 13.26
N GLU A 138 -20.43 -5.48 14.40
CA GLU A 138 -19.33 -4.54 14.49
C GLU A 138 -18.16 -5.04 13.66
N VAL A 139 -17.81 -4.29 12.64
CA VAL A 139 -16.73 -4.65 11.73
C VAL A 139 -15.41 -3.93 11.97
N ASP A 140 -15.47 -2.68 12.40
CA ASP A 140 -14.25 -1.92 12.66
C ASP A 140 -14.53 -0.58 13.33
N ARG A 141 -13.47 0.02 13.87
CA ARG A 141 -13.54 1.32 14.53
C ARG A 141 -12.17 1.90 14.26
N ILE A 142 -12.13 3.04 13.60
CA ILE A 142 -10.86 3.60 13.24
C ILE A 142 -10.89 5.13 13.16
N ARG A 143 -9.77 5.75 13.46
CA ARG A 143 -9.65 7.21 13.39
C ARG A 143 -9.07 7.48 12.02
N CYS A 144 -9.66 8.41 11.29
CA CYS A 144 -9.20 8.70 9.92
C CYS A 144 -9.75 10.04 9.45
N ASP A 145 -9.34 10.47 8.26
CA ASP A 145 -9.84 11.73 7.70
C ASP A 145 -11.26 11.48 7.18
N GLY A 146 -11.57 10.22 6.92
CA GLY A 146 -12.87 9.88 6.41
C GLY A 146 -13.01 8.39 6.15
N PHE A 147 -14.17 8.02 5.63
CA PHE A 147 -14.44 6.63 5.32
C PHE A 147 -15.33 6.55 4.07
N ILE A 148 -15.00 5.63 3.18
CA ILE A 148 -15.73 5.47 1.93
C ILE A 148 -16.50 4.16 1.84
N VAL A 149 -17.76 4.25 1.43
CA VAL A 149 -18.60 3.08 1.24
C VAL A 149 -18.94 3.17 -0.26
N ALA A 150 -18.14 2.48 -1.09
CA ALA A 150 -18.36 2.51 -2.53
C ALA A 150 -18.94 1.23 -3.14
N THR A 151 -19.37 1.32 -4.40
CA THR A 151 -19.90 0.17 -5.16
C THR A 151 -18.75 -0.17 -6.12
N GLN A 152 -18.87 -1.30 -6.83
CA GLN A 152 -17.82 -1.69 -7.76
C GLN A 152 -17.56 -0.57 -8.78
N ILE A 153 -18.59 0.20 -9.11
CA ILE A 153 -18.42 1.28 -10.07
C ILE A 153 -17.55 2.38 -9.47
N GLY A 154 -17.71 2.58 -8.16
CA GLY A 154 -16.93 3.57 -7.46
C GLY A 154 -15.54 3.09 -7.13
N SER A 155 -15.26 1.80 -7.33
CA SER A 155 -13.95 1.26 -6.99
C SER A 155 -12.81 1.92 -7.78
N THR A 156 -13.16 2.64 -8.85
CA THR A 156 -12.13 3.33 -9.63
C THR A 156 -12.11 4.82 -9.30
N GLY A 157 -12.98 5.23 -8.38
CA GLY A 157 -13.04 6.62 -7.97
C GLY A 157 -12.29 6.93 -6.67
N TYR A 158 -12.99 7.52 -5.70
CA TYR A 158 -12.41 7.88 -4.40
C TYR A 158 -11.74 6.65 -3.74
N ALA A 159 -12.46 5.52 -3.71
CA ALA A 159 -11.93 4.30 -3.12
C ALA A 159 -10.59 3.93 -3.75
N PHE A 160 -10.45 4.18 -5.04
CA PHE A 160 -9.21 3.89 -5.76
C PHE A 160 -8.06 4.66 -5.10
N SER A 161 -8.24 5.98 -4.98
CA SER A 161 -7.22 6.86 -4.38
C SER A 161 -6.95 6.53 -2.91
N ALA A 162 -7.91 5.95 -2.22
CA ALA A 162 -7.70 5.61 -0.82
C ALA A 162 -6.91 4.30 -0.75
N GLY A 163 -6.61 3.74 -1.91
CA GLY A 163 -5.87 2.49 -1.96
C GLY A 163 -6.74 1.24 -2.06
N GLY A 164 -7.97 1.40 -2.55
CA GLY A 164 -8.84 0.24 -2.67
C GLY A 164 -8.55 -0.56 -3.94
N PRO A 165 -9.14 -1.75 -4.09
CA PRO A 165 -8.90 -2.56 -5.28
C PRO A 165 -9.79 -2.22 -6.47
N VAL A 166 -9.36 -2.66 -7.65
CA VAL A 166 -10.14 -2.45 -8.86
C VAL A 166 -11.12 -3.62 -8.95
N VAL A 167 -12.41 -3.32 -8.91
CA VAL A 167 -13.43 -4.35 -9.03
C VAL A 167 -14.15 -4.18 -10.38
N GLU A 168 -14.21 -5.24 -11.16
CA GLU A 168 -14.88 -5.16 -12.46
C GLU A 168 -16.32 -4.70 -12.30
N PRO A 169 -16.86 -4.02 -13.32
CA PRO A 169 -18.23 -3.48 -13.37
C PRO A 169 -19.34 -4.49 -13.10
N TYR A 170 -19.15 -5.73 -13.54
CA TYR A 170 -20.20 -6.73 -13.37
C TYR A 170 -20.16 -7.58 -12.11
N LEU A 171 -19.50 -7.10 -11.07
CA LEU A 171 -19.47 -7.82 -9.81
C LEU A 171 -20.03 -6.88 -8.74
N GLU A 172 -21.32 -7.01 -8.47
CA GLU A 172 -21.96 -6.16 -7.47
C GLU A 172 -21.37 -6.42 -6.09
N CYS A 173 -21.01 -5.34 -5.41
CA CYS A 173 -20.44 -5.44 -4.08
C CYS A 173 -20.18 -4.07 -3.51
N PHE A 174 -19.87 -4.02 -2.21
CA PHE A 174 -19.55 -2.78 -1.52
C PHE A 174 -18.04 -2.78 -1.24
N ILE A 175 -17.39 -1.62 -1.31
CA ILE A 175 -15.96 -1.54 -0.96
C ILE A 175 -15.88 -0.60 0.25
N LEU A 176 -15.46 -1.14 1.39
CA LEU A 176 -15.37 -0.36 2.61
C LEU A 176 -13.89 -0.07 2.87
N ILE A 177 -13.54 1.21 2.80
CA ILE A 177 -12.16 1.63 2.98
C ILE A 177 -12.04 3.01 3.64
N PRO A 178 -11.07 3.19 4.54
CA PRO A 178 -10.89 4.50 5.20
C PRO A 178 -9.92 5.39 4.43
N ILE A 179 -10.02 6.70 4.66
CA ILE A 179 -9.13 7.66 4.04
C ILE A 179 -8.12 8.12 5.11
N ALA A 180 -6.84 7.84 4.89
CA ALA A 180 -5.78 8.23 5.82
C ALA A 180 -6.01 7.66 7.23
N PRO A 181 -6.22 6.34 7.33
CA PRO A 181 -6.46 5.67 8.61
C PRO A 181 -5.23 5.76 9.51
N PHE A 182 -5.42 6.23 10.73
CA PHE A 182 -4.33 6.37 11.68
C PHE A 182 -4.23 5.10 12.54
N ARG A 183 -3.64 4.06 11.98
CA ARG A 183 -3.49 2.78 12.67
C ARG A 183 -2.41 1.94 12.00
N PHE A 184 -1.67 1.15 12.78
CA PHE A 184 -0.60 0.32 12.21
C PHE A 184 -1.05 -0.54 11.03
N GLY A 185 -2.12 -1.31 11.19
CA GLY A 185 -2.56 -2.12 10.08
C GLY A 185 -4.01 -1.85 9.71
N TRP A 186 -4.35 -2.04 8.45
CA TRP A 186 -5.73 -1.85 7.99
C TRP A 186 -5.88 -2.44 6.60
N LYS A 187 -7.12 -2.83 6.27
CA LYS A 187 -7.43 -3.43 4.98
C LYS A 187 -8.77 -2.96 4.44
N PRO A 188 -8.90 -2.87 3.10
CA PRO A 188 -10.17 -2.46 2.49
C PRO A 188 -11.03 -3.72 2.64
N TYR A 189 -12.34 -3.59 2.81
CA TYR A 189 -13.20 -4.76 2.92
C TYR A 189 -14.16 -4.79 1.74
N VAL A 190 -14.40 -5.95 1.18
CA VAL A 190 -15.31 -6.06 0.07
C VAL A 190 -16.42 -6.98 0.52
N VAL A 191 -17.63 -6.46 0.60
CA VAL A 191 -18.77 -7.27 1.04
C VAL A 191 -19.93 -7.19 0.04
N SER A 192 -20.87 -8.12 0.16
CA SER A 192 -22.05 -8.19 -0.71
C SER A 192 -22.88 -6.92 -0.64
N MET A 193 -23.34 -6.45 -1.79
CA MET A 193 -24.15 -5.23 -1.83
C MET A 193 -25.58 -5.44 -1.31
N GLU A 194 -25.88 -6.65 -0.86
CA GLU A 194 -27.20 -6.95 -0.34
C GLU A 194 -27.22 -6.68 1.16
N ARG A 195 -26.06 -6.36 1.73
CA ARG A 195 -25.96 -6.09 3.15
C ARG A 195 -26.19 -4.62 3.53
N LYS A 196 -26.57 -4.39 4.78
CA LYS A 196 -26.83 -3.04 5.30
C LYS A 196 -25.60 -2.47 5.98
N ILE A 197 -25.11 -1.34 5.47
CA ILE A 197 -23.94 -0.68 6.07
C ILE A 197 -24.37 0.39 7.07
N GLU A 198 -23.60 0.54 8.15
CA GLU A 198 -23.87 1.53 9.18
C GLU A 198 -22.58 2.19 9.59
N VAL A 199 -22.52 3.49 9.42
CA VAL A 199 -21.35 4.28 9.77
C VAL A 199 -21.78 5.14 10.95
N ILE A 200 -20.93 5.21 11.97
CA ILE A 200 -21.24 5.99 13.15
C ILE A 200 -20.08 6.92 13.42
N ALA A 201 -20.38 8.21 13.51
CA ALA A 201 -19.35 9.20 13.75
C ALA A 201 -19.96 10.53 14.14
N GLU A 202 -19.19 11.35 14.87
CA GLU A 202 -19.64 12.65 15.32
C GLU A 202 -18.92 13.74 14.53
N LYS A 203 -19.53 14.92 14.46
CA LYS A 203 -18.95 16.07 13.77
C LYS A 203 -18.47 15.68 12.36
N ALA A 204 -19.34 15.03 11.61
CA ALA A 204 -19.01 14.57 10.28
C ALA A 204 -20.03 15.01 9.23
N ILE A 205 -19.67 14.82 7.96
CA ILE A 205 -20.53 15.16 6.84
C ILE A 205 -20.63 13.97 5.87
N VAL A 206 -21.80 13.74 5.27
CA VAL A 206 -21.96 12.65 4.31
C VAL A 206 -22.04 13.26 2.92
N VAL A 207 -21.32 12.68 1.97
CA VAL A 207 -21.32 13.17 0.59
C VAL A 207 -21.66 12.03 -0.36
N ALA A 208 -22.55 12.30 -1.32
CA ALA A 208 -22.98 11.30 -2.29
C ALA A 208 -22.44 11.65 -3.67
N ASP A 209 -21.72 10.72 -4.29
CA ASP A 209 -21.13 10.95 -5.60
C ASP A 209 -20.48 12.32 -5.69
N GLY A 210 -20.06 12.84 -4.54
CA GLY A 210 -19.43 14.15 -4.48
C GLY A 210 -20.29 15.31 -4.95
N GLN A 211 -21.62 15.14 -4.87
CA GLN A 211 -22.55 16.18 -5.31
C GLN A 211 -23.39 16.75 -4.18
N LYS A 212 -24.13 15.91 -3.50
CA LYS A 212 -24.97 16.38 -2.40
C LYS A 212 -24.42 15.92 -1.05
N SER A 213 -24.41 16.83 -0.10
CA SER A 213 -23.87 16.55 1.23
C SER A 213 -24.67 17.19 2.34
N VAL A 214 -24.62 16.58 3.52
CA VAL A 214 -25.31 17.12 4.67
C VAL A 214 -24.52 16.81 5.92
N ASP A 215 -24.64 17.65 6.94
CA ASP A 215 -23.95 17.42 8.21
C ASP A 215 -24.74 16.41 9.03
N PHE A 216 -24.05 15.51 9.72
CA PHE A 216 -24.73 14.55 10.57
C PHE A 216 -23.92 14.24 11.83
N ASP A 217 -24.63 13.81 12.86
CA ASP A 217 -24.05 13.46 14.15
C ASP A 217 -24.69 12.19 14.66
N GLY A 218 -23.97 11.09 14.55
CA GLY A 218 -24.52 9.85 15.04
C GLY A 218 -24.42 8.67 14.10
N GLU A 219 -25.57 8.10 13.79
CA GLU A 219 -25.60 6.93 12.96
C GLU A 219 -26.37 7.08 11.66
N ILE A 220 -25.78 6.61 10.56
CA ILE A 220 -26.42 6.62 9.26
C ILE A 220 -26.28 5.24 8.68
N THR A 221 -27.25 4.83 7.87
CA THR A 221 -27.19 3.51 7.26
C THR A 221 -27.20 3.66 5.73
N ILE A 222 -26.57 2.70 5.06
CA ILE A 222 -26.48 2.71 3.60
C ILE A 222 -26.94 1.37 3.05
N GLU A 223 -27.83 1.39 2.07
CA GLU A 223 -28.33 0.14 1.48
C GLU A 223 -28.46 0.28 -0.03
N LYS A 224 -28.65 -0.85 -0.70
CA LYS A 224 -28.83 -0.88 -2.13
C LYS A 224 -30.24 -0.36 -2.37
N SER A 225 -30.41 0.53 -3.34
CA SER A 225 -31.73 1.08 -3.63
C SER A 225 -32.40 0.32 -4.75
N GLU A 226 -33.59 0.79 -5.14
CA GLU A 226 -34.36 0.17 -6.19
C GLU A 226 -34.24 0.91 -7.50
N PHE A 227 -33.47 2.00 -7.53
CA PHE A 227 -33.34 2.77 -8.74
C PHE A 227 -31.93 2.82 -9.29
N PRO A 228 -31.62 1.83 -10.14
CA PRO A 228 -30.31 1.69 -10.78
C PRO A 228 -30.05 2.77 -11.82
N ALA A 229 -28.78 2.89 -12.19
CA ALA A 229 -28.39 3.82 -13.23
C ALA A 229 -28.48 2.94 -14.49
N VAL A 230 -28.94 3.52 -15.59
CA VAL A 230 -29.09 2.75 -16.82
C VAL A 230 -28.27 3.29 -17.97
N PHE A 231 -27.55 2.40 -18.64
CA PHE A 231 -26.72 2.80 -19.78
C PHE A 231 -26.93 1.85 -20.95
N PHE A 232 -26.64 2.34 -22.14
CA PHE A 232 -26.74 1.48 -23.30
C PHE A 232 -25.61 0.49 -23.07
N LYS A 233 -25.86 -0.78 -23.30
CA LYS A 233 -24.84 -1.81 -23.08
C LYS A 233 -23.55 -1.47 -23.83
N ASN A 234 -22.44 -1.45 -23.10
CA ASN A 234 -21.14 -1.18 -23.70
C ASN A 234 -20.51 -2.55 -23.88
N GLU A 235 -20.45 -2.99 -25.14
CA GLU A 235 -19.91 -4.29 -25.50
C GLU A 235 -18.50 -4.56 -24.98
N LYS A 236 -17.65 -3.53 -24.98
CA LYS A 236 -16.27 -3.71 -24.53
C LYS A 236 -15.96 -3.13 -23.15
N ARG A 237 -16.98 -2.95 -22.32
CA ARG A 237 -16.79 -2.40 -20.98
C ARG A 237 -15.73 -3.14 -20.17
N PHE A 238 -15.81 -4.48 -20.18
CA PHE A 238 -14.86 -5.28 -19.43
C PHE A 238 -13.42 -5.21 -19.90
N ARG A 239 -13.20 -5.20 -21.21
CA ARG A 239 -11.84 -5.14 -21.70
C ARG A 239 -11.25 -3.73 -21.62
N ASN A 240 -12.08 -2.71 -21.79
CA ASN A 240 -11.57 -1.34 -21.73
C ASN A 240 -11.22 -0.89 -20.30
N LEU A 241 -11.81 -1.55 -19.32
CA LEU A 241 -11.59 -1.21 -17.92
C LEU A 241 -10.11 -1.14 -17.52
N PHE A 242 -9.38 -2.23 -17.74
CA PHE A 242 -7.97 -2.31 -17.36
C PHE A 242 -7.11 -1.27 -18.06
N GLY A 243 -7.48 -0.92 -19.29
CA GLY A 243 -6.72 0.07 -20.02
C GLY A 243 -6.98 1.46 -19.45
N LYS A 244 -8.23 1.76 -19.13
CA LYS A 244 -8.61 3.06 -18.59
C LYS A 244 -8.09 3.29 -17.16
N VAL A 245 -8.08 2.24 -16.37
CA VAL A 245 -7.62 2.34 -14.99
C VAL A 245 -6.14 2.68 -14.93
N ARG A 246 -5.38 2.14 -15.88
CA ARG A 246 -3.94 2.36 -15.90
C ARG A 246 -3.54 3.75 -16.39
N SER A 247 -4.52 4.52 -16.89
CA SER A 247 -4.22 5.87 -17.37
C SER A 247 -4.85 6.96 -16.49
N ILE A 248 -5.37 6.56 -15.34
CA ILE A 248 -6.01 7.50 -14.42
C ILE A 248 -5.05 8.54 -13.81
N GLY A 249 -5.52 9.78 -13.75
CA GLY A 249 -4.74 10.87 -13.19
C GLY A 249 -5.56 12.17 -13.12
N MET B 1 -23.91 -43.95 11.71
CA MET B 1 -23.14 -42.86 11.05
C MET B 1 -21.68 -42.81 11.55
N ARG B 2 -20.73 -42.96 10.62
CA ARG B 2 -19.29 -42.94 10.95
C ARG B 2 -18.58 -41.68 10.43
N ALA B 3 -17.68 -41.14 11.24
CA ALA B 3 -16.93 -39.94 10.87
C ALA B 3 -15.42 -40.10 11.03
N ALA B 4 -14.66 -39.46 10.13
CA ALA B 4 -13.20 -39.51 10.14
C ALA B 4 -12.63 -38.33 10.92
N VAL B 5 -11.60 -38.60 11.70
CA VAL B 5 -10.93 -37.58 12.51
C VAL B 5 -9.48 -37.46 12.07
N VAL B 6 -9.12 -36.32 11.46
CA VAL B 6 -7.76 -36.13 11.00
C VAL B 6 -7.04 -35.15 11.92
N TYR B 7 -5.81 -35.48 12.29
CA TYR B 7 -5.01 -34.64 13.18
C TYR B 7 -3.53 -34.66 12.79
N LYS B 8 -2.82 -33.59 13.17
CA LYS B 8 -1.40 -33.50 12.88
C LYS B 8 -0.69 -34.00 14.13
N THR B 9 -1.03 -33.38 15.25
CA THR B 9 -0.46 -33.75 16.54
C THR B 9 -1.54 -34.39 17.39
N ASP B 10 -1.12 -35.12 18.43
CA ASP B 10 -2.04 -35.80 19.33
C ASP B 10 -2.86 -34.88 20.21
N GLY B 11 -2.71 -33.57 19.96
CA GLY B 11 -3.42 -32.54 20.70
C GLY B 11 -4.56 -32.94 21.61
N HIS B 12 -5.79 -32.80 21.14
CA HIS B 12 -6.96 -33.14 21.95
C HIS B 12 -7.75 -34.24 21.27
N VAL B 13 -7.06 -35.04 20.47
CA VAL B 13 -7.71 -36.11 19.74
C VAL B 13 -8.48 -37.06 20.66
N LYS B 14 -8.10 -37.09 21.93
CA LYS B 14 -8.77 -37.97 22.90
C LYS B 14 -10.21 -37.56 23.16
N ARG B 15 -10.37 -36.42 23.82
CA ARG B 15 -11.67 -35.86 24.16
C ARG B 15 -12.57 -35.76 22.94
N ILE B 16 -11.98 -35.47 21.79
CA ILE B 16 -12.73 -35.36 20.54
C ILE B 16 -13.34 -36.71 20.17
N GLU B 17 -12.62 -37.78 20.49
CA GLU B 17 -13.10 -39.13 20.20
C GLU B 17 -14.24 -39.46 21.15
N GLU B 18 -14.08 -39.08 22.42
CA GLU B 18 -15.09 -39.30 23.46
C GLU B 18 -16.36 -38.49 23.23
N ALA B 19 -16.24 -37.36 22.54
CA ALA B 19 -17.39 -36.51 22.25
C ALA B 19 -18.20 -37.12 21.10
N LEU B 20 -17.49 -37.64 20.11
CA LEU B 20 -18.15 -38.27 18.96
C LEU B 20 -18.74 -39.60 19.40
N LYS B 21 -18.33 -40.03 20.60
CA LYS B 21 -18.81 -41.28 21.18
C LYS B 21 -20.22 -41.02 21.69
N ARG B 22 -20.32 -40.08 22.63
CA ARG B 22 -21.59 -39.71 23.23
C ARG B 22 -22.61 -39.31 22.18
N LEU B 23 -22.15 -39.05 20.96
CA LEU B 23 -23.06 -38.66 19.89
C LEU B 23 -23.38 -39.87 19.03
N GLU B 24 -23.00 -41.05 19.51
CA GLU B 24 -23.24 -42.32 18.81
C GLU B 24 -22.75 -42.30 17.37
N VAL B 25 -21.51 -41.85 17.19
CA VAL B 25 -20.90 -41.80 15.88
C VAL B 25 -19.69 -42.71 15.90
N GLU B 26 -19.49 -43.46 14.81
CA GLU B 26 -18.36 -44.36 14.71
C GLU B 26 -17.14 -43.53 14.32
N VAL B 27 -16.02 -43.76 15.00
CA VAL B 27 -14.80 -43.00 14.74
C VAL B 27 -13.66 -43.78 14.08
N GLU B 28 -12.91 -43.08 13.23
CA GLU B 28 -11.75 -43.62 12.52
C GLU B 28 -10.66 -42.55 12.53
N LEU B 29 -9.58 -42.79 13.27
CA LEU B 29 -8.49 -41.83 13.38
C LEU B 29 -7.47 -41.87 12.25
N PHE B 30 -7.13 -40.68 11.74
CA PHE B 30 -6.15 -40.55 10.66
C PHE B 30 -4.99 -39.65 11.08
N ASN B 31 -3.77 -40.17 10.93
CA ASN B 31 -2.57 -39.44 11.27
C ASN B 31 -2.23 -38.44 10.17
N GLN B 32 -2.77 -38.69 8.99
CA GLN B 32 -2.55 -37.82 7.83
C GLN B 32 -3.69 -38.02 6.82
N PRO B 33 -3.89 -37.02 5.94
CA PRO B 33 -4.94 -37.08 4.92
C PRO B 33 -4.85 -38.32 4.04
N SER B 34 -6.01 -38.81 3.61
CA SER B 34 -6.07 -40.00 2.76
C SER B 34 -7.31 -39.95 1.86
N GLU B 35 -7.15 -40.34 0.59
CA GLU B 35 -8.27 -40.34 -0.34
C GLU B 35 -9.41 -41.17 0.23
N GLU B 36 -9.10 -41.92 1.28
CA GLU B 36 -10.07 -42.78 1.93
C GLU B 36 -11.19 -41.94 2.55
N LEU B 37 -10.84 -40.78 3.08
CA LEU B 37 -11.79 -39.90 3.73
C LEU B 37 -13.13 -39.70 2.99
N GLU B 38 -13.15 -39.98 1.69
CA GLU B 38 -14.37 -39.84 0.90
C GLU B 38 -15.49 -40.76 1.37
N ASN B 39 -15.11 -41.87 2.02
CA ASN B 39 -16.08 -42.84 2.49
C ASN B 39 -16.61 -42.62 3.90
N PHE B 40 -16.77 -41.35 4.29
CA PHE B 40 -17.28 -41.02 5.61
C PHE B 40 -18.47 -40.08 5.51
N ASP B 41 -19.25 -40.01 6.57
CA ASP B 41 -20.42 -39.14 6.57
C ASP B 41 -19.96 -37.71 6.81
N PHE B 42 -18.89 -37.55 7.57
CA PHE B 42 -18.32 -36.25 7.82
C PHE B 42 -16.92 -36.36 8.41
N ILE B 43 -16.14 -35.30 8.24
CA ILE B 43 -14.77 -35.25 8.70
C ILE B 43 -14.58 -34.21 9.78
N VAL B 44 -13.68 -34.49 10.72
CA VAL B 44 -13.39 -33.56 11.79
C VAL B 44 -11.90 -33.26 11.77
N SER B 45 -11.57 -32.03 11.40
CA SER B 45 -10.19 -31.59 11.31
C SER B 45 -9.70 -31.07 12.66
N VAL B 46 -8.53 -31.52 13.08
CA VAL B 46 -7.96 -31.08 14.34
C VAL B 46 -6.59 -30.51 14.06
N GLY B 47 -6.50 -29.19 14.04
CA GLY B 47 -5.24 -28.53 13.76
C GLY B 47 -5.44 -27.07 13.41
N GLY B 48 -5.43 -26.77 12.11
CA GLY B 48 -5.62 -25.40 11.68
C GLY B 48 -6.14 -25.35 10.26
N ASP B 49 -6.10 -24.15 9.66
CA ASP B 49 -6.57 -24.03 8.29
C ASP B 49 -5.69 -24.85 7.37
N GLY B 50 -4.41 -24.94 7.73
CA GLY B 50 -3.45 -25.69 6.94
C GLY B 50 -3.87 -27.14 6.90
N THR B 51 -4.32 -27.63 8.05
CA THR B 51 -4.78 -29.01 8.16
C THR B 51 -5.94 -29.26 7.21
N ILE B 52 -6.87 -28.32 7.19
CA ILE B 52 -8.05 -28.40 6.33
C ILE B 52 -7.67 -28.30 4.86
N LEU B 53 -6.65 -27.48 4.55
CA LEU B 53 -6.20 -27.36 3.17
C LEU B 53 -5.62 -28.68 2.69
N ARG B 54 -4.91 -29.36 3.60
CA ARG B 54 -4.28 -30.64 3.29
C ARG B 54 -5.31 -31.76 3.11
N ILE B 55 -6.41 -31.68 3.88
CA ILE B 55 -7.47 -32.67 3.79
C ILE B 55 -8.21 -32.53 2.46
N LEU B 56 -8.57 -31.30 2.11
CA LEU B 56 -9.28 -31.04 0.87
C LEU B 56 -8.50 -31.52 -0.37
N GLN B 57 -7.18 -31.57 -0.27
CA GLN B 57 -6.35 -32.00 -1.39
C GLN B 57 -6.64 -33.44 -1.81
N LYS B 58 -7.15 -34.24 -0.87
CA LYS B 58 -7.44 -35.63 -1.15
C LYS B 58 -8.93 -35.92 -1.30
N LEU B 59 -9.72 -34.87 -1.50
CA LEU B 59 -11.16 -35.04 -1.64
C LEU B 59 -11.70 -34.45 -2.93
N LYS B 60 -12.33 -35.30 -3.73
CA LYS B 60 -12.94 -34.82 -4.97
C LYS B 60 -14.31 -34.41 -4.44
N ARG B 61 -15.12 -35.41 -4.09
CA ARG B 61 -16.43 -35.16 -3.50
C ARG B 61 -16.00 -34.84 -2.09
N CYS B 62 -16.70 -33.94 -1.42
CA CYS B 62 -16.27 -33.58 -0.07
C CYS B 62 -17.28 -33.70 1.05
N PRO B 63 -17.13 -34.72 1.91
CA PRO B 63 -18.09 -34.84 3.00
C PRO B 63 -17.92 -33.65 3.96
N PRO B 64 -19.00 -33.22 4.61
CA PRO B 64 -18.99 -32.09 5.55
C PRO B 64 -17.78 -32.08 6.48
N ILE B 65 -17.04 -30.96 6.50
CA ILE B 65 -15.88 -30.85 7.36
C ILE B 65 -16.17 -29.95 8.56
N PHE B 66 -15.69 -30.36 9.72
CA PHE B 66 -15.87 -29.59 10.94
C PHE B 66 -14.48 -29.38 11.51
N GLY B 67 -13.98 -28.15 11.44
CA GLY B 67 -12.65 -27.87 11.93
C GLY B 67 -12.52 -27.40 13.37
N ILE B 68 -11.46 -27.84 14.02
CA ILE B 68 -11.17 -27.46 15.40
C ILE B 68 -9.77 -26.83 15.36
N ASN B 69 -9.68 -25.55 15.70
CA ASN B 69 -8.41 -24.85 15.67
C ASN B 69 -7.63 -24.92 16.97
N THR B 70 -6.45 -25.51 16.90
CA THR B 70 -5.61 -25.61 18.08
C THR B 70 -4.55 -24.52 17.97
N GLY B 71 -4.59 -23.78 16.86
CA GLY B 71 -3.62 -22.72 16.64
C GLY B 71 -4.07 -21.36 17.15
N ARG B 72 -3.67 -20.30 16.44
CA ARG B 72 -4.02 -18.94 16.83
C ARG B 72 -5.29 -18.44 16.14
N VAL B 73 -5.31 -18.52 14.82
CA VAL B 73 -6.46 -18.06 14.06
C VAL B 73 -6.86 -19.12 13.05
N GLY B 74 -8.15 -19.34 12.89
CA GLY B 74 -8.61 -20.32 11.94
C GLY B 74 -9.83 -19.80 11.22
N LEU B 75 -9.64 -19.31 10.00
CA LEU B 75 -10.75 -18.77 9.25
C LEU B 75 -11.66 -19.87 8.70
N LEU B 76 -11.13 -21.09 8.67
CA LEU B 76 -11.88 -22.23 8.14
C LEU B 76 -12.44 -23.14 9.25
N THR B 77 -12.05 -22.89 10.48
CA THR B 77 -12.51 -23.71 11.59
C THR B 77 -13.80 -23.22 12.24
N HIS B 78 -14.40 -24.10 13.05
CA HIS B 78 -15.66 -23.85 13.74
C HIS B 78 -15.52 -23.57 15.22
N ALA B 79 -14.53 -24.17 15.85
CA ALA B 79 -14.31 -23.98 17.28
C ALA B 79 -12.90 -24.29 17.72
N SER B 80 -12.63 -24.04 18.99
CA SER B 80 -11.33 -24.30 19.57
C SER B 80 -11.50 -25.44 20.56
N PRO B 81 -10.41 -25.92 21.17
CA PRO B 81 -10.54 -27.02 22.13
C PRO B 81 -11.52 -26.66 23.24
N GLU B 82 -11.60 -25.38 23.55
CA GLU B 82 -12.46 -24.88 24.61
C GLU B 82 -13.97 -24.97 24.41
N ASN B 83 -14.42 -25.16 23.17
CA ASN B 83 -15.86 -25.20 22.94
C ASN B 83 -16.30 -26.08 21.78
N PHE B 84 -15.43 -26.99 21.34
CA PHE B 84 -15.77 -27.85 20.20
C PHE B 84 -16.98 -28.74 20.49
N GLU B 85 -17.12 -29.14 21.75
CA GLU B 85 -18.21 -30.00 22.15
C GLU B 85 -19.56 -29.45 21.75
N VAL B 86 -19.97 -28.38 22.42
CA VAL B 86 -21.24 -27.73 22.17
C VAL B 86 -21.47 -27.50 20.67
N GLU B 87 -20.44 -27.02 19.99
CA GLU B 87 -20.53 -26.74 18.57
C GLU B 87 -20.58 -28.00 17.72
N LEU B 88 -19.89 -29.04 18.16
CA LEU B 88 -19.88 -30.30 17.43
C LEU B 88 -21.28 -30.90 17.48
N LYS B 89 -21.88 -30.91 18.67
CA LYS B 89 -23.23 -31.47 18.84
C LYS B 89 -24.20 -30.71 17.93
N LYS B 90 -24.20 -29.38 18.04
CA LYS B 90 -25.09 -28.56 17.21
C LYS B 90 -24.92 -28.89 15.74
N ALA B 91 -23.68 -28.94 15.27
CA ALA B 91 -23.38 -29.24 13.88
C ALA B 91 -23.90 -30.60 13.45
N VAL B 92 -23.53 -31.63 14.19
CA VAL B 92 -23.94 -32.99 13.86
C VAL B 92 -25.45 -33.21 13.93
N GLU B 93 -26.12 -32.58 14.90
CA GLU B 93 -27.56 -32.74 15.06
C GLU B 93 -28.34 -31.98 13.99
N LYS B 94 -28.08 -30.68 13.85
CA LYS B 94 -28.76 -29.87 12.85
C LYS B 94 -28.28 -30.29 11.45
N PHE B 95 -27.01 -30.64 11.37
CA PHE B 95 -26.38 -31.09 10.13
C PHE B 95 -26.62 -30.17 8.93
N GLU B 96 -26.39 -28.87 9.11
CA GLU B 96 -26.56 -27.92 8.01
C GLU B 96 -25.21 -27.73 7.34
N VAL B 97 -25.20 -27.79 6.01
CA VAL B 97 -23.97 -27.67 5.24
C VAL B 97 -23.80 -26.39 4.41
N GLU B 98 -22.55 -25.98 4.26
CA GLU B 98 -22.16 -24.75 3.55
C GLU B 98 -21.10 -25.07 2.49
N ARG B 99 -21.16 -24.40 1.34
CA ARG B 99 -20.19 -24.68 0.26
C ARG B 99 -19.40 -23.48 -0.32
N PHE B 100 -18.13 -23.71 -0.64
CA PHE B 100 -17.27 -22.69 -1.25
C PHE B 100 -16.52 -23.31 -2.43
N PRO B 101 -16.55 -22.67 -3.60
CA PRO B 101 -15.88 -23.19 -4.80
C PRO B 101 -14.39 -23.45 -4.68
N ARG B 102 -13.92 -24.40 -5.47
CA ARG B 102 -12.51 -24.74 -5.53
C ARG B 102 -12.13 -24.57 -6.99
N VAL B 103 -10.88 -24.22 -7.23
CA VAL B 103 -10.38 -23.97 -8.58
C VAL B 103 -9.35 -25.00 -9.00
N SER B 104 -9.12 -25.09 -10.31
CA SER B 104 -8.13 -25.99 -10.88
C SER B 104 -7.46 -25.33 -12.10
N CYS B 105 -6.19 -25.65 -12.35
CA CYS B 105 -5.49 -25.09 -13.49
C CYS B 105 -5.09 -26.18 -14.47
N SER B 106 -4.94 -25.83 -15.74
CA SER B 106 -4.58 -26.78 -16.77
C SER B 106 -3.32 -27.59 -16.48
N ALA B 107 -2.27 -26.92 -15.97
CA ALA B 107 -1.02 -27.61 -15.66
C ALA B 107 -1.18 -28.80 -14.70
N MET B 108 -2.15 -28.72 -13.81
CA MET B 108 -2.41 -29.80 -12.86
C MET B 108 -3.92 -30.07 -12.81
N PRO B 109 -4.42 -30.90 -13.73
CA PRO B 109 -5.83 -31.29 -13.89
C PRO B 109 -6.57 -31.83 -12.67
N ASP B 110 -5.97 -32.80 -11.98
CA ASP B 110 -6.61 -33.42 -10.82
C ASP B 110 -6.58 -32.66 -9.51
N VAL B 111 -5.77 -31.60 -9.43
CA VAL B 111 -5.69 -30.83 -8.20
C VAL B 111 -6.74 -29.72 -8.13
N LEU B 112 -7.25 -29.53 -6.92
CA LEU B 112 -8.24 -28.50 -6.67
C LEU B 112 -7.66 -27.60 -5.59
N ALA B 113 -7.95 -26.31 -5.67
CA ALA B 113 -7.46 -25.36 -4.68
C ALA B 113 -8.61 -24.52 -4.13
N LEU B 114 -8.64 -24.39 -2.82
CA LEU B 114 -9.66 -23.59 -2.15
C LEU B 114 -9.18 -22.14 -2.00
N ASN B 115 -7.91 -21.96 -1.65
CA ASN B 115 -7.32 -20.62 -1.48
C ASN B 115 -6.87 -19.97 -2.79
N GLU B 116 -5.88 -20.56 -3.44
CA GLU B 116 -5.37 -19.99 -4.67
C GLU B 116 -4.41 -20.84 -5.50
N ILE B 117 -4.21 -20.40 -6.74
CA ILE B 117 -3.28 -21.00 -7.67
C ILE B 117 -2.24 -19.89 -7.80
N ALA B 118 -0.98 -20.18 -7.48
CA ALA B 118 0.07 -19.16 -7.57
C ALA B 118 1.16 -19.52 -8.59
N VAL B 119 1.56 -18.52 -9.36
CA VAL B 119 2.60 -18.68 -10.37
C VAL B 119 3.87 -17.96 -9.89
N LEU B 120 4.89 -18.73 -9.56
CA LEU B 120 6.15 -18.17 -9.05
C LEU B 120 7.33 -18.58 -9.90
N SER B 121 8.43 -17.83 -9.79
CA SER B 121 9.64 -18.16 -10.55
C SER B 121 10.28 -19.39 -9.92
N ARG B 122 10.88 -20.24 -10.76
CA ARG B 122 11.54 -21.46 -10.31
C ARG B 122 12.65 -21.19 -9.30
N LYS B 123 13.50 -20.23 -9.63
CA LYS B 123 14.60 -19.87 -8.75
C LYS B 123 14.23 -18.65 -7.94
N PRO B 124 14.62 -18.62 -6.66
CA PRO B 124 14.28 -17.47 -5.81
C PRO B 124 15.14 -16.26 -6.17
N ALA B 125 14.62 -15.08 -5.89
CA ALA B 125 15.33 -13.83 -6.16
C ALA B 125 15.40 -13.49 -7.65
N LYS B 126 14.54 -14.13 -8.44
CA LYS B 126 14.49 -13.88 -9.86
C LYS B 126 13.07 -13.56 -10.26
N MET B 127 12.91 -12.55 -11.11
CA MET B 127 11.59 -12.16 -11.55
C MET B 127 11.18 -13.03 -12.71
N ILE B 128 9.93 -12.91 -13.10
CA ILE B 128 9.38 -13.60 -14.24
C ILE B 128 8.47 -12.59 -14.90
N ASP B 129 8.35 -12.67 -16.20
CA ASP B 129 7.52 -11.76 -16.98
C ASP B 129 6.16 -12.45 -17.08
N VAL B 130 5.15 -11.90 -16.41
CA VAL B 130 3.83 -12.51 -16.44
C VAL B 130 2.78 -11.75 -17.25
N ALA B 131 2.08 -12.48 -18.11
CA ALA B 131 1.03 -11.92 -18.94
C ALA B 131 -0.27 -12.47 -18.36
N LEU B 132 -1.29 -11.64 -18.29
CA LEU B 132 -2.57 -12.04 -17.74
C LEU B 132 -3.75 -11.77 -18.66
N ARG B 133 -4.56 -12.79 -18.87
CA ARG B 133 -5.74 -12.67 -19.72
C ARG B 133 -6.94 -13.27 -19.01
N VAL B 134 -8.08 -12.60 -19.10
CA VAL B 134 -9.31 -13.11 -18.50
C VAL B 134 -10.36 -13.11 -19.60
N ASP B 135 -10.90 -14.28 -19.88
CA ASP B 135 -11.91 -14.42 -20.93
C ASP B 135 -11.35 -13.98 -22.29
N GLY B 136 -10.08 -14.31 -22.54
CA GLY B 136 -9.46 -13.98 -23.80
C GLY B 136 -8.94 -12.56 -23.95
N VAL B 137 -9.50 -11.63 -23.19
CA VAL B 137 -9.06 -10.24 -23.27
C VAL B 137 -7.76 -10.07 -22.46
N GLU B 138 -6.82 -9.31 -23.01
CA GLU B 138 -5.54 -9.06 -22.35
C GLU B 138 -5.73 -8.01 -21.27
N VAL B 139 -5.36 -8.32 -20.04
CA VAL B 139 -5.55 -7.36 -18.96
C VAL B 139 -4.28 -6.75 -18.38
N ASP B 140 -3.18 -7.50 -18.41
CA ASP B 140 -1.94 -6.95 -17.90
C ASP B 140 -0.69 -7.81 -18.14
N ARG B 141 0.42 -7.13 -18.33
CA ARG B 141 1.72 -7.77 -18.55
C ARG B 141 2.63 -7.12 -17.51
N ILE B 142 3.30 -7.91 -16.68
CA ILE B 142 4.13 -7.33 -15.63
C ILE B 142 5.29 -8.20 -15.14
N ARG B 143 6.33 -7.55 -14.63
CA ARG B 143 7.49 -8.26 -14.10
C ARG B 143 7.31 -8.32 -12.59
N CYS B 144 7.47 -9.52 -12.03
CA CYS B 144 7.24 -9.74 -10.61
C CYS B 144 7.86 -11.03 -10.10
N ASP B 145 7.78 -11.24 -8.79
CA ASP B 145 8.30 -12.46 -8.18
C ASP B 145 7.31 -13.60 -8.42
N GLY B 146 6.06 -13.22 -8.70
CA GLY B 146 5.05 -14.22 -8.96
C GLY B 146 3.69 -13.55 -9.07
N PHE B 147 2.66 -14.31 -9.43
CA PHE B 147 1.34 -13.74 -9.58
C PHE B 147 0.30 -14.67 -8.99
N ILE B 148 -0.57 -14.10 -8.15
CA ILE B 148 -1.60 -14.87 -7.48
C ILE B 148 -3.00 -14.73 -8.08
N VAL B 149 -3.71 -15.85 -8.11
CA VAL B 149 -5.06 -15.92 -8.63
C VAL B 149 -5.78 -16.65 -7.49
N ALA B 150 -6.46 -15.88 -6.64
CA ALA B 150 -7.14 -16.45 -5.48
C ALA B 150 -8.66 -16.33 -5.49
N THR B 151 -9.31 -17.06 -4.58
CA THR B 151 -10.76 -16.97 -4.46
C THR B 151 -11.00 -16.07 -3.24
N GLN B 152 -12.27 -15.80 -2.93
CA GLN B 152 -12.53 -14.94 -1.78
C GLN B 152 -11.98 -15.58 -0.52
N ILE B 153 -11.95 -16.92 -0.47
CA ILE B 153 -11.45 -17.62 0.70
C ILE B 153 -9.96 -17.45 0.84
N GLY B 154 -9.26 -17.39 -0.29
CA GLY B 154 -7.81 -17.21 -0.24
C GLY B 154 -7.43 -15.76 -0.06
N SER B 155 -8.42 -14.87 -0.10
CA SER B 155 -8.16 -13.45 0.05
C SER B 155 -7.44 -13.15 1.37
N THR B 156 -7.52 -14.05 2.35
CA THR B 156 -6.84 -13.82 3.63
C THR B 156 -5.52 -14.58 3.75
N GLY B 157 -5.12 -15.25 2.69
CA GLY B 157 -3.86 -15.98 2.69
C GLY B 157 -2.80 -15.21 1.90
N TYR B 158 -2.11 -15.92 1.01
CA TYR B 158 -1.05 -15.34 0.18
C TYR B 158 -1.44 -13.97 -0.41
N ALA B 159 -2.62 -13.89 -1.00
CA ALA B 159 -3.09 -12.64 -1.60
C ALA B 159 -3.09 -11.48 -0.59
N PHE B 160 -3.42 -11.78 0.67
CA PHE B 160 -3.43 -10.79 1.77
C PHE B 160 -2.02 -10.18 1.91
N SER B 161 -1.01 -11.04 2.01
CA SER B 161 0.37 -10.60 2.16
C SER B 161 0.89 -9.80 0.97
N ALA B 162 0.33 -10.06 -0.21
CA ALA B 162 0.75 -9.36 -1.42
C ALA B 162 0.10 -7.99 -1.50
N GLY B 163 -0.73 -7.68 -0.48
CA GLY B 163 -1.40 -6.41 -0.40
C GLY B 163 -2.84 -6.41 -0.90
N GLY B 164 -3.45 -7.59 -0.97
CA GLY B 164 -4.81 -7.67 -1.47
C GLY B 164 -5.85 -7.38 -0.42
N PRO B 165 -7.08 -7.03 -0.83
CA PRO B 165 -8.21 -6.71 0.06
C PRO B 165 -8.85 -7.97 0.63
N VAL B 166 -9.49 -7.87 1.80
CA VAL B 166 -10.15 -9.05 2.35
C VAL B 166 -11.59 -9.04 1.80
N VAL B 167 -11.97 -10.16 1.19
CA VAL B 167 -13.30 -10.31 0.64
C VAL B 167 -14.08 -11.29 1.50
N GLU B 168 -15.31 -10.94 1.88
CA GLU B 168 -16.10 -11.82 2.73
C GLU B 168 -16.32 -13.16 2.02
N PRO B 169 -16.47 -14.24 2.80
CA PRO B 169 -16.68 -15.61 2.32
C PRO B 169 -17.83 -15.80 1.34
N TYR B 170 -18.92 -15.07 1.52
CA TYR B 170 -20.08 -15.26 0.66
C TYR B 170 -20.16 -14.45 -0.64
N LEU B 171 -19.08 -13.76 -1.00
CA LEU B 171 -19.06 -13.04 -2.26
C LEU B 171 -18.08 -13.78 -3.17
N GLU B 172 -18.61 -14.61 -4.05
CA GLU B 172 -17.76 -15.39 -4.97
C GLU B 172 -17.05 -14.53 -6.02
N CYS B 173 -15.73 -14.64 -6.07
CA CYS B 173 -14.95 -13.86 -7.02
C CYS B 173 -13.49 -14.31 -7.06
N PHE B 174 -12.77 -13.82 -8.06
CA PHE B 174 -11.34 -14.11 -8.22
C PHE B 174 -10.59 -12.85 -7.78
N ILE B 175 -9.39 -13.03 -7.21
CA ILE B 175 -8.55 -11.90 -6.82
C ILE B 175 -7.21 -12.11 -7.51
N LEU B 176 -6.91 -11.23 -8.46
CA LEU B 176 -5.67 -11.27 -9.25
C LEU B 176 -4.74 -10.21 -8.70
N ILE B 177 -3.59 -10.64 -8.18
CA ILE B 177 -2.62 -9.73 -7.59
C ILE B 177 -1.17 -10.26 -7.68
N PRO B 178 -0.22 -9.37 -8.06
CA PRO B 178 1.19 -9.78 -8.16
C PRO B 178 1.95 -9.70 -6.85
N ILE B 179 3.03 -10.48 -6.77
CA ILE B 179 3.90 -10.50 -5.62
C ILE B 179 5.17 -9.73 -6.05
N ALA B 180 5.45 -8.64 -5.34
CA ALA B 180 6.61 -7.80 -5.63
C ALA B 180 6.62 -7.30 -7.09
N PRO B 181 5.54 -6.65 -7.51
CA PRO B 181 5.52 -6.16 -8.89
C PRO B 181 6.54 -5.05 -9.14
N PHE B 182 7.33 -5.18 -10.19
CA PHE B 182 8.33 -4.17 -10.52
C PHE B 182 7.76 -3.20 -11.55
N ARG B 183 6.96 -2.26 -11.07
CA ARG B 183 6.33 -1.25 -11.92
C ARG B 183 5.86 -0.10 -11.03
N PHE B 184 5.85 1.11 -11.57
CA PHE B 184 5.43 2.26 -10.78
C PHE B 184 4.04 2.08 -10.17
N GLY B 185 3.06 1.74 -11.00
CA GLY B 185 1.72 1.55 -10.47
C GLY B 185 1.16 0.16 -10.72
N TRP B 186 0.33 -0.30 -9.80
CA TRP B 186 -0.30 -1.61 -9.94
C TRP B 186 -1.47 -1.67 -8.98
N LYS B 187 -2.45 -2.52 -9.29
CA LYS B 187 -3.62 -2.67 -8.45
C LYS B 187 -4.12 -4.09 -8.44
N PRO B 188 -4.76 -4.51 -7.33
CA PRO B 188 -5.29 -5.87 -7.26
C PRO B 188 -6.58 -5.81 -8.08
N TYR B 189 -6.83 -6.81 -8.92
CA TYR B 189 -8.05 -6.83 -9.71
C TYR B 189 -9.01 -7.88 -9.13
N VAL B 190 -10.28 -7.50 -9.01
CA VAL B 190 -11.29 -8.41 -8.48
C VAL B 190 -12.34 -8.64 -9.57
N VAL B 191 -12.30 -9.81 -10.20
CA VAL B 191 -13.26 -10.13 -11.25
C VAL B 191 -14.17 -11.31 -10.88
N SER B 192 -15.27 -11.47 -11.62
CA SER B 192 -16.22 -12.56 -11.39
C SER B 192 -15.54 -13.92 -11.48
N MET B 193 -15.94 -14.86 -10.63
CA MET B 193 -15.33 -16.19 -10.63
C MET B 193 -15.85 -17.11 -11.74
N GLU B 194 -16.71 -16.58 -12.60
CA GLU B 194 -17.25 -17.33 -13.72
C GLU B 194 -16.30 -17.21 -14.90
N ARG B 195 -15.42 -16.21 -14.83
CA ARG B 195 -14.48 -15.96 -15.91
C ARG B 195 -13.29 -16.92 -15.98
N LYS B 196 -12.67 -16.96 -17.16
CA LYS B 196 -11.53 -17.82 -17.41
C LYS B 196 -10.25 -17.02 -17.26
N ILE B 197 -9.41 -17.45 -16.31
CA ILE B 197 -8.16 -16.77 -16.05
C ILE B 197 -7.04 -17.46 -16.83
N GLU B 198 -6.22 -16.66 -17.50
CA GLU B 198 -5.10 -17.18 -18.26
C GLU B 198 -3.79 -16.48 -17.84
N VAL B 199 -2.82 -17.29 -17.44
CA VAL B 199 -1.52 -16.78 -17.01
C VAL B 199 -0.40 -17.32 -17.91
N ILE B 200 0.35 -16.41 -18.54
CA ILE B 200 1.44 -16.84 -19.40
C ILE B 200 2.76 -16.44 -18.77
N ALA B 201 3.63 -17.42 -18.52
CA ALA B 201 4.92 -17.15 -17.92
C ALA B 201 5.96 -18.23 -18.21
N GLU B 202 7.21 -17.81 -18.42
CA GLU B 202 8.31 -18.73 -18.70
C GLU B 202 9.14 -18.96 -17.44
N LYS B 203 9.73 -20.14 -17.33
CA LYS B 203 10.59 -20.47 -16.19
C LYS B 203 9.83 -20.28 -14.88
N ALA B 204 8.56 -20.67 -14.88
CA ALA B 204 7.74 -20.54 -13.70
C ALA B 204 7.35 -21.88 -13.10
N ILE B 205 6.53 -21.83 -12.06
CA ILE B 205 6.02 -23.01 -11.39
C ILE B 205 4.63 -22.63 -10.86
N VAL B 206 3.69 -23.57 -10.93
CA VAL B 206 2.34 -23.32 -10.45
C VAL B 206 2.16 -24.08 -9.15
N VAL B 207 1.51 -23.43 -8.19
CA VAL B 207 1.25 -24.03 -6.90
C VAL B 207 -0.23 -23.89 -6.53
N ALA B 208 -0.78 -24.94 -5.94
CA ALA B 208 -2.18 -24.94 -5.53
C ALA B 208 -2.27 -25.10 -4.03
N ASP B 209 -2.88 -24.13 -3.36
CA ASP B 209 -3.03 -24.14 -1.91
C ASP B 209 -1.72 -24.48 -1.20
N GLY B 210 -0.61 -24.20 -1.88
CA GLY B 210 0.71 -24.47 -1.33
C GLY B 210 1.08 -25.94 -1.13
N GLN B 211 0.29 -26.85 -1.67
CA GLN B 211 0.55 -28.28 -1.53
C GLN B 211 1.15 -28.96 -2.75
N LYS B 212 0.52 -28.79 -3.90
CA LYS B 212 1.02 -29.42 -5.12
C LYS B 212 1.54 -28.41 -6.14
N SER B 213 2.70 -28.72 -6.72
CA SER B 213 3.33 -27.85 -7.70
C SER B 213 3.90 -28.59 -8.89
N VAL B 214 4.03 -27.87 -10.00
CA VAL B 214 4.57 -28.41 -11.25
C VAL B 214 5.32 -27.32 -12.02
N ASP B 215 6.55 -27.58 -12.41
CA ASP B 215 7.30 -26.58 -13.19
C ASP B 215 6.49 -26.45 -14.46
N PHE B 216 6.50 -25.27 -15.06
CA PHE B 216 5.77 -25.10 -16.30
C PHE B 216 6.33 -23.95 -17.13
N ASP B 217 6.19 -24.09 -18.43
CA ASP B 217 6.66 -23.08 -19.37
C ASP B 217 5.60 -22.84 -20.42
N GLY B 218 5.15 -21.59 -20.50
CA GLY B 218 4.14 -21.27 -21.49
C GLY B 218 2.88 -20.61 -20.97
N GLU B 219 1.79 -21.38 -20.98
CA GLU B 219 0.51 -20.84 -20.60
C GLU B 219 -0.37 -21.82 -19.83
N ILE B 220 -0.98 -21.35 -18.75
CA ILE B 220 -1.88 -22.18 -17.98
C ILE B 220 -3.20 -21.42 -17.87
N THR B 221 -4.29 -22.16 -17.74
CA THR B 221 -5.61 -21.54 -17.61
C THR B 221 -6.19 -21.99 -16.27
N ILE B 222 -6.94 -21.08 -15.63
CA ILE B 222 -7.53 -21.35 -14.33
C ILE B 222 -9.03 -21.05 -14.32
N GLU B 223 -9.83 -21.97 -13.80
CA GLU B 223 -11.26 -21.74 -13.73
C GLU B 223 -11.97 -22.53 -12.65
N LYS B 224 -13.17 -22.08 -12.32
CA LYS B 224 -13.99 -22.71 -11.29
C LYS B 224 -14.29 -24.17 -11.58
N SER B 225 -14.04 -25.04 -10.60
CA SER B 225 -14.31 -26.47 -10.78
C SER B 225 -15.74 -26.82 -10.33
N GLU B 226 -16.06 -28.11 -10.34
CA GLU B 226 -17.39 -28.57 -9.97
C GLU B 226 -17.46 -29.22 -8.58
N PHE B 227 -16.31 -29.36 -7.93
CA PHE B 227 -16.25 -29.98 -6.61
C PHE B 227 -15.87 -29.00 -5.52
N PRO B 228 -16.86 -28.35 -4.91
CA PRO B 228 -16.62 -27.37 -3.86
C PRO B 228 -16.13 -28.05 -2.60
N ALA B 229 -15.61 -27.25 -1.68
CA ALA B 229 -15.17 -27.77 -0.40
C ALA B 229 -16.46 -27.67 0.39
N VAL B 230 -16.71 -28.61 1.29
CA VAL B 230 -17.95 -28.58 2.06
C VAL B 230 -17.69 -28.62 3.56
N PHE B 231 -18.22 -27.63 4.27
CA PHE B 231 -18.07 -27.54 5.72
C PHE B 231 -19.46 -27.48 6.33
N PHE B 232 -19.55 -27.59 7.65
CA PHE B 232 -20.84 -27.47 8.29
C PHE B 232 -21.09 -25.99 8.29
N LYS B 233 -22.35 -25.57 8.28
CA LYS B 233 -22.67 -24.15 8.28
C LYS B 233 -22.14 -23.52 9.57
N ASN B 234 -21.41 -22.43 9.42
CA ASN B 234 -20.86 -21.70 10.55
C ASN B 234 -21.69 -20.42 10.65
N GLU B 235 -22.50 -20.31 11.70
CA GLU B 235 -23.37 -19.17 11.88
C GLU B 235 -22.66 -17.83 11.98
N LYS B 236 -21.57 -17.78 12.75
CA LYS B 236 -20.82 -16.54 12.93
C LYS B 236 -19.67 -16.31 11.93
N ARG B 237 -19.67 -17.08 10.84
CA ARG B 237 -18.60 -16.96 9.85
C ARG B 237 -18.28 -15.49 9.50
N PHE B 238 -19.33 -14.74 9.18
CA PHE B 238 -19.19 -13.35 8.79
C PHE B 238 -18.68 -12.45 9.91
N ARG B 239 -19.34 -12.47 11.05
CA ARG B 239 -18.90 -11.60 12.13
C ARG B 239 -17.50 -11.98 12.63
N ASN B 240 -17.17 -13.26 12.59
CA ASN B 240 -15.85 -13.71 13.04
C ASN B 240 -14.75 -13.29 12.10
N LEU B 241 -15.11 -13.11 10.83
CA LEU B 241 -14.16 -12.73 9.80
C LEU B 241 -13.25 -11.57 10.18
N PHE B 242 -13.86 -10.43 10.51
CA PHE B 242 -13.10 -9.24 10.81
C PHE B 242 -12.19 -9.29 12.04
N GLY B 243 -12.58 -10.05 13.06
CA GLY B 243 -11.75 -10.16 14.23
C GLY B 243 -10.53 -11.06 13.96
N LYS B 244 -10.78 -12.16 13.25
CA LYS B 244 -9.72 -13.11 12.90
C LYS B 244 -8.66 -12.51 11.98
N VAL B 245 -9.06 -11.59 11.11
CA VAL B 245 -8.13 -10.97 10.19
C VAL B 245 -7.14 -10.04 10.92
N ARG B 246 -7.62 -9.31 11.92
CA ARG B 246 -6.73 -8.40 12.65
C ARG B 246 -5.66 -9.12 13.47
N SER B 247 -5.87 -10.41 13.73
CA SER B 247 -4.91 -11.17 14.51
C SER B 247 -3.94 -11.98 13.65
N ILE B 248 -4.15 -11.96 12.34
CA ILE B 248 -3.29 -12.69 11.42
C ILE B 248 -1.82 -12.32 11.60
N GLY B 249 -0.95 -13.33 11.48
CA GLY B 249 0.48 -13.14 11.61
C GLY B 249 1.30 -14.43 11.60
N MET C 1 46.40 8.29 -19.86
CA MET C 1 45.29 7.75 -19.03
C MET C 1 44.54 6.64 -19.77
N ARG C 2 44.21 5.55 -19.06
CA ARG C 2 43.53 4.39 -19.65
C ARG C 2 42.15 4.02 -19.08
N ALA C 3 41.26 3.56 -19.96
CA ALA C 3 39.90 3.20 -19.57
C ALA C 3 39.46 1.86 -20.15
N ALA C 4 38.73 1.09 -19.35
CA ALA C 4 38.21 -0.21 -19.78
C ALA C 4 36.76 -0.05 -20.20
N VAL C 5 36.39 -0.59 -21.35
CA VAL C 5 35.03 -0.50 -21.83
C VAL C 5 34.37 -1.87 -21.74
N VAL C 6 33.44 -2.03 -20.79
CA VAL C 6 32.74 -3.29 -20.58
C VAL C 6 31.38 -3.24 -21.30
N TYR C 7 31.10 -4.27 -22.08
CA TYR C 7 29.85 -4.32 -22.84
C TYR C 7 29.08 -5.63 -22.71
N LYS C 8 27.76 -5.50 -22.87
CA LYS C 8 26.86 -6.65 -22.81
C LYS C 8 26.93 -7.28 -24.21
N THR C 9 26.60 -6.48 -25.21
CA THR C 9 26.63 -6.88 -26.62
C THR C 9 27.46 -5.82 -27.34
N ASP C 10 28.28 -6.25 -28.30
CA ASP C 10 29.14 -5.31 -29.05
C ASP C 10 28.40 -4.49 -30.10
N GLY C 11 27.42 -3.71 -29.65
CA GLY C 11 26.64 -2.91 -30.59
C GLY C 11 27.19 -1.52 -30.87
N HIS C 12 27.79 -0.89 -29.86
CA HIS C 12 28.33 0.45 -30.03
C HIS C 12 29.80 0.54 -29.64
N VAL C 13 30.35 -0.58 -29.17
CA VAL C 13 31.74 -0.61 -28.75
C VAL C 13 32.67 0.13 -29.72
N LYS C 14 32.31 0.14 -31.00
CA LYS C 14 33.13 0.83 -32.00
C LYS C 14 33.09 2.34 -31.82
N ARG C 15 31.89 2.90 -31.87
CA ARG C 15 31.72 4.34 -31.70
C ARG C 15 32.41 4.83 -30.45
N ILE C 16 32.27 4.07 -29.36
CA ILE C 16 32.87 4.45 -28.09
C ILE C 16 34.39 4.48 -28.17
N GLU C 17 34.98 3.53 -28.90
CA GLU C 17 36.43 3.49 -29.06
C GLU C 17 36.88 4.74 -29.79
N GLU C 18 36.25 4.98 -30.95
CA GLU C 18 36.55 6.13 -31.78
C GLU C 18 36.22 7.43 -31.07
N ALA C 19 35.74 7.32 -29.83
CA ALA C 19 35.38 8.49 -29.06
C ALA C 19 36.40 8.66 -27.92
N LEU C 20 36.82 7.54 -27.36
CA LEU C 20 37.82 7.56 -26.29
C LEU C 20 39.18 7.72 -26.96
N LYS C 21 39.22 7.42 -28.26
CA LYS C 21 40.43 7.55 -29.05
C LYS C 21 40.64 9.05 -29.19
N ARG C 22 39.63 9.73 -29.73
CA ARG C 22 39.67 11.17 -29.92
C ARG C 22 40.10 11.87 -28.63
N LEU C 23 39.70 11.31 -27.49
CA LEU C 23 40.02 11.89 -26.19
C LEU C 23 41.39 11.49 -25.68
N GLU C 24 42.13 10.77 -26.51
CA GLU C 24 43.46 10.32 -26.13
C GLU C 24 43.46 9.49 -24.87
N VAL C 25 42.66 8.44 -24.88
CA VAL C 25 42.56 7.54 -23.75
C VAL C 25 42.85 6.14 -24.25
N GLU C 26 43.79 5.46 -23.60
CA GLU C 26 44.13 4.10 -23.99
C GLU C 26 42.85 3.31 -23.71
N VAL C 27 42.48 2.42 -24.63
CA VAL C 27 41.26 1.64 -24.44
C VAL C 27 41.43 0.12 -24.51
N GLU C 28 40.68 -0.58 -23.66
CA GLU C 28 40.71 -2.03 -23.58
C GLU C 28 39.25 -2.52 -23.55
N LEU C 29 38.98 -3.66 -24.16
CA LEU C 29 37.62 -4.18 -24.19
C LEU C 29 37.42 -5.48 -23.41
N PHE C 30 36.37 -5.50 -22.60
CA PHE C 30 36.02 -6.67 -21.80
C PHE C 30 34.55 -7.05 -22.08
N ASN C 31 34.34 -8.30 -22.47
CA ASN C 31 33.00 -8.79 -22.77
C ASN C 31 32.28 -9.19 -21.48
N GLN C 32 33.06 -9.56 -20.48
CA GLN C 32 32.52 -9.93 -19.18
C GLN C 32 33.35 -9.27 -18.10
N PRO C 33 32.70 -8.80 -17.02
CA PRO C 33 33.41 -8.14 -15.92
C PRO C 33 34.61 -8.94 -15.42
N SER C 34 35.58 -8.24 -14.85
CA SER C 34 36.79 -8.89 -14.36
C SER C 34 37.50 -8.04 -13.30
N GLU C 35 38.22 -8.71 -12.41
CA GLU C 35 38.95 -8.04 -11.32
C GLU C 35 40.04 -7.11 -11.89
N GLU C 36 40.34 -7.28 -13.17
CA GLU C 36 41.35 -6.49 -13.86
C GLU C 36 40.91 -5.05 -14.10
N LEU C 37 39.60 -4.81 -14.13
CA LEU C 37 39.08 -3.47 -14.35
C LEU C 37 39.60 -2.53 -13.27
N GLU C 38 40.05 -3.11 -12.18
CA GLU C 38 40.58 -2.36 -11.05
C GLU C 38 41.89 -1.67 -11.38
N ASN C 39 42.45 -1.98 -12.54
CA ASN C 39 43.73 -1.41 -12.97
C ASN C 39 43.56 -0.37 -14.08
N PHE C 40 42.44 0.33 -14.06
CA PHE C 40 42.17 1.37 -15.05
C PHE C 40 41.80 2.68 -14.38
N ASP C 41 41.93 3.78 -15.12
CA ASP C 41 41.61 5.08 -14.57
C ASP C 41 40.10 5.21 -14.45
N PHE C 42 39.39 4.75 -15.47
CA PHE C 42 37.94 4.79 -15.45
C PHE C 42 37.33 3.69 -16.31
N ILE C 43 36.06 3.40 -16.05
CA ILE C 43 35.36 2.33 -16.74
C ILE C 43 34.11 2.86 -17.45
N VAL C 44 33.86 2.34 -18.65
CA VAL C 44 32.68 2.72 -19.41
C VAL C 44 31.81 1.47 -19.51
N SER C 45 30.59 1.57 -18.99
CA SER C 45 29.64 0.46 -18.98
C SER C 45 28.56 0.64 -20.04
N VAL C 46 28.44 -0.36 -20.92
CA VAL C 46 27.45 -0.32 -21.98
C VAL C 46 26.39 -1.38 -21.68
N GLY C 47 25.16 -0.93 -21.49
CA GLY C 47 24.07 -1.86 -21.19
C GLY C 47 23.04 -1.21 -20.29
N GLY C 48 22.81 -1.79 -19.11
CA GLY C 48 21.84 -1.21 -18.20
C GLY C 48 22.34 -1.15 -16.76
N ASP C 49 21.45 -0.84 -15.83
CA ASP C 49 21.83 -0.78 -14.42
C ASP C 49 22.38 -2.15 -14.00
N GLY C 50 21.83 -3.20 -14.59
CA GLY C 50 22.29 -4.53 -14.25
C GLY C 50 23.75 -4.69 -14.61
N THR C 51 24.11 -4.19 -15.79
CA THR C 51 25.48 -4.25 -16.27
C THR C 51 26.40 -3.63 -15.21
N ILE C 52 25.99 -2.47 -14.70
CA ILE C 52 26.77 -1.78 -13.69
C ILE C 52 26.86 -2.60 -12.39
N LEU C 53 25.79 -3.29 -12.04
CA LEU C 53 25.79 -4.10 -10.84
C LEU C 53 26.77 -5.25 -10.99
N ARG C 54 26.79 -5.86 -12.18
CA ARG C 54 27.69 -6.97 -12.46
C ARG C 54 29.15 -6.53 -12.46
N ILE C 55 29.41 -5.32 -12.93
CA ILE C 55 30.77 -4.78 -12.96
C ILE C 55 31.26 -4.58 -11.53
N LEU C 56 30.42 -3.96 -10.70
CA LEU C 56 30.78 -3.69 -9.31
C LEU C 56 31.16 -4.93 -8.51
N GLN C 57 30.55 -6.06 -8.84
CA GLN C 57 30.84 -7.31 -8.12
C GLN C 57 32.27 -7.75 -8.28
N LYS C 58 32.98 -7.11 -9.21
CA LYS C 58 34.38 -7.44 -9.48
C LYS C 58 35.34 -6.41 -8.89
N LEU C 59 34.80 -5.31 -8.41
CA LEU C 59 35.61 -4.24 -7.89
C LEU C 59 35.54 -4.02 -6.39
N LYS C 60 36.71 -3.97 -5.77
CA LYS C 60 36.81 -3.68 -4.35
C LYS C 60 37.13 -2.17 -4.43
N ARG C 61 38.32 -1.84 -4.93
CA ARG C 61 38.71 -0.45 -5.13
C ARG C 61 37.89 -0.17 -6.39
N CYS C 62 37.20 0.97 -6.43
CA CYS C 62 36.36 1.21 -7.59
C CYS C 62 36.65 2.39 -8.51
N PRO C 63 37.28 2.13 -9.64
CA PRO C 63 37.55 3.24 -10.55
C PRO C 63 36.22 3.85 -10.98
N PRO C 64 36.18 5.16 -11.28
CA PRO C 64 34.99 5.91 -11.70
C PRO C 64 34.31 5.27 -12.88
N ILE C 65 33.00 5.04 -12.76
CA ILE C 65 32.24 4.42 -13.84
C ILE C 65 31.37 5.41 -14.62
N PHE C 66 31.44 5.31 -15.95
CA PHE C 66 30.62 6.16 -16.81
C PHE C 66 29.72 5.15 -17.51
N GLY C 67 28.42 5.23 -17.24
CA GLY C 67 27.50 4.28 -17.83
C GLY C 67 26.70 4.80 -18.99
N ILE C 68 26.54 3.95 -20.00
CA ILE C 68 25.78 4.30 -21.19
C ILE C 68 24.57 3.39 -21.19
N ASN C 69 23.40 3.97 -20.93
CA ASN C 69 22.15 3.25 -20.87
C ASN C 69 21.69 2.71 -22.21
N THR C 70 21.76 1.39 -22.35
CA THR C 70 21.37 0.73 -23.58
C THR C 70 19.86 0.73 -23.80
N GLY C 71 19.07 0.58 -22.74
CA GLY C 71 17.64 0.56 -22.95
C GLY C 71 16.38 1.40 -22.74
N ARG C 72 15.83 1.30 -21.53
CA ARG C 72 14.65 2.04 -21.09
C ARG C 72 15.03 2.94 -19.91
N VAL C 73 15.09 2.37 -18.71
CA VAL C 73 15.43 3.16 -17.52
C VAL C 73 16.80 2.80 -16.98
N GLY C 74 17.59 3.83 -16.68
CA GLY C 74 18.91 3.61 -16.15
C GLY C 74 19.26 4.61 -15.07
N LEU C 75 18.82 4.34 -13.85
CA LEU C 75 19.08 5.23 -12.74
C LEU C 75 20.57 5.39 -12.46
N LEU C 76 21.36 4.37 -12.79
CA LEU C 76 22.80 4.41 -12.56
C LEU C 76 23.61 4.85 -13.77
N THR C 77 22.96 5.08 -14.91
CA THR C 77 23.68 5.48 -16.11
C THR C 77 23.84 6.99 -16.32
N HIS C 78 24.70 7.37 -17.26
CA HIS C 78 24.99 8.78 -17.55
C HIS C 78 24.46 9.34 -18.86
N ALA C 79 24.11 8.46 -19.80
CA ALA C 79 23.58 8.89 -21.10
C ALA C 79 23.25 7.69 -21.96
N SER C 80 22.70 7.95 -23.15
CA SER C 80 22.35 6.88 -24.07
C SER C 80 23.30 6.96 -25.27
N PRO C 81 23.17 6.04 -26.24
CA PRO C 81 24.08 6.12 -27.38
C PRO C 81 23.82 7.37 -28.22
N GLU C 82 22.61 7.91 -28.09
CA GLU C 82 22.20 9.09 -28.84
C GLU C 82 22.95 10.36 -28.43
N ASN C 83 23.73 10.29 -27.35
CA ASN C 83 24.45 11.46 -26.88
C ASN C 83 25.58 11.15 -25.91
N PHE C 84 26.18 9.96 -26.03
CA PHE C 84 27.24 9.59 -25.12
C PHE C 84 28.54 10.33 -25.40
N GLU C 85 28.83 10.56 -26.68
CA GLU C 85 30.05 11.25 -27.07
C GLU C 85 30.19 12.61 -26.39
N VAL C 86 29.07 13.32 -26.26
CA VAL C 86 29.05 14.62 -25.63
C VAL C 86 29.28 14.53 -24.12
N GLU C 87 28.44 13.76 -23.45
CA GLU C 87 28.54 13.59 -22.01
C GLU C 87 29.83 12.87 -21.57
N LEU C 88 30.37 12.04 -22.45
CA LEU C 88 31.60 11.31 -22.15
C LEU C 88 32.76 12.29 -22.04
N LYS C 89 32.82 13.25 -22.97
CA LYS C 89 33.90 14.24 -22.98
C LYS C 89 33.85 15.16 -21.76
N LYS C 90 32.66 15.55 -21.34
CA LYS C 90 32.52 16.41 -20.17
C LYS C 90 33.00 15.67 -18.94
N ALA C 91 32.72 14.37 -18.89
CA ALA C 91 33.11 13.53 -17.78
C ALA C 91 34.62 13.33 -17.70
N VAL C 92 35.21 12.91 -18.81
CA VAL C 92 36.64 12.68 -18.86
C VAL C 92 37.43 13.96 -18.62
N GLU C 93 36.92 15.08 -19.15
CA GLU C 93 37.59 16.36 -18.99
C GLU C 93 37.54 16.91 -17.57
N LYS C 94 36.34 17.06 -17.02
CA LYS C 94 36.21 17.58 -15.66
C LYS C 94 36.72 16.56 -14.65
N PHE C 95 36.44 15.30 -14.92
CA PHE C 95 36.83 14.19 -14.06
C PHE C 95 36.40 14.38 -12.60
N GLU C 96 35.17 14.84 -12.40
CA GLU C 96 34.63 15.01 -11.06
C GLU C 96 33.94 13.71 -10.71
N VAL C 97 34.24 13.19 -9.53
CA VAL C 97 33.68 11.92 -9.13
C VAL C 97 32.62 11.99 -8.01
N GLU C 98 31.86 10.92 -7.88
CA GLU C 98 30.79 10.82 -6.89
C GLU C 98 30.79 9.42 -6.27
N ARG C 99 30.49 9.33 -4.97
CA ARG C 99 30.51 8.03 -4.31
C ARG C 99 29.24 7.64 -3.53
N PHE C 100 28.85 6.37 -3.64
CA PHE C 100 27.70 5.84 -2.92
C PHE C 100 28.14 4.60 -2.16
N PRO C 101 27.82 4.52 -0.86
CA PRO C 101 28.19 3.41 0.01
C PRO C 101 27.77 2.02 -0.45
N ARG C 102 28.62 1.05 -0.15
CA ARG C 102 28.31 -0.35 -0.45
C ARG C 102 28.34 -1.12 0.86
N VAL C 103 27.51 -2.15 0.90
CA VAL C 103 27.34 -2.93 2.10
C VAL C 103 27.80 -4.37 1.97
N SER C 104 27.96 -5.05 3.10
CA SER C 104 28.35 -6.46 3.10
C SER C 104 27.75 -7.23 4.27
N CYS C 105 27.43 -8.51 4.04
CA CYS C 105 26.89 -9.33 5.13
C CYS C 105 27.96 -10.35 5.52
N SER C 106 27.82 -10.88 6.73
CA SER C 106 28.79 -11.83 7.25
C SER C 106 28.78 -13.21 6.59
N ALA C 107 27.68 -13.56 5.93
CA ALA C 107 27.57 -14.85 5.27
C ALA C 107 28.50 -14.93 4.04
N MET C 108 28.77 -13.79 3.42
CA MET C 108 29.65 -13.70 2.24
C MET C 108 30.63 -12.56 2.47
N PRO C 109 31.62 -12.77 3.34
CA PRO C 109 32.70 -11.87 3.76
C PRO C 109 33.26 -10.87 2.75
N ASP C 110 33.50 -11.33 1.53
CA ASP C 110 34.09 -10.47 0.52
C ASP C 110 33.21 -9.92 -0.61
N VAL C 111 31.89 -9.98 -0.46
CA VAL C 111 31.03 -9.45 -1.51
C VAL C 111 30.42 -8.13 -1.06
N LEU C 112 30.32 -7.18 -1.98
CA LEU C 112 29.74 -5.87 -1.69
C LEU C 112 28.46 -5.69 -2.47
N ALA C 113 27.50 -4.97 -1.89
CA ALA C 113 26.21 -4.71 -2.52
C ALA C 113 25.93 -3.22 -2.55
N LEU C 114 25.46 -2.75 -3.70
CA LEU C 114 25.12 -1.34 -3.90
C LEU C 114 23.61 -1.17 -3.70
N ASN C 115 22.84 -2.16 -4.11
CA ASN C 115 21.37 -2.13 -3.99
C ASN C 115 20.86 -2.68 -2.67
N GLU C 116 21.09 -3.96 -2.45
CA GLU C 116 20.64 -4.60 -1.22
C GLU C 116 21.15 -6.00 -0.98
N ILE C 117 20.86 -6.48 0.21
CA ILE C 117 21.19 -7.82 0.62
C ILE C 117 19.78 -8.30 0.92
N ALA C 118 19.32 -9.32 0.20
CA ALA C 118 17.99 -9.83 0.42
C ALA C 118 18.06 -11.24 1.03
N VAL C 119 17.10 -11.55 1.89
CA VAL C 119 17.05 -12.86 2.53
C VAL C 119 15.72 -13.49 2.15
N LEU C 120 15.75 -14.54 1.33
CA LEU C 120 14.52 -15.22 0.90
C LEU C 120 14.48 -16.66 1.36
N SER C 121 13.34 -17.32 1.17
CA SER C 121 13.28 -18.72 1.57
C SER C 121 13.92 -19.51 0.44
N ARG C 122 14.42 -20.70 0.76
CA ARG C 122 15.05 -21.56 -0.24
C ARG C 122 14.07 -22.11 -1.25
N LYS C 123 12.87 -22.47 -0.79
CA LYS C 123 11.85 -23.02 -1.69
C LYS C 123 10.80 -21.96 -2.01
N PRO C 124 10.40 -21.87 -3.29
CA PRO C 124 9.39 -20.88 -3.67
C PRO C 124 8.06 -21.22 -3.01
N ALA C 125 7.19 -20.24 -2.91
CA ALA C 125 5.87 -20.47 -2.32
C ALA C 125 5.90 -20.92 -0.87
N LYS C 126 7.05 -20.79 -0.22
CA LYS C 126 7.18 -21.15 1.20
C LYS C 126 7.72 -19.97 2.00
N MET C 127 7.10 -19.72 3.16
CA MET C 127 7.49 -18.61 4.04
C MET C 127 8.66 -18.95 4.95
N ILE C 128 9.27 -17.91 5.51
CA ILE C 128 10.35 -18.06 6.48
C ILE C 128 10.05 -17.12 7.63
N ASP C 129 10.45 -17.50 8.84
CA ASP C 129 10.21 -16.67 10.01
C ASP C 129 11.44 -15.79 10.14
N VAL C 130 11.28 -14.49 9.96
CA VAL C 130 12.41 -13.58 10.04
C VAL C 130 12.40 -12.66 11.25
N ALA C 131 13.56 -12.54 11.88
CA ALA C 131 13.73 -11.69 13.06
C ALA C 131 14.74 -10.62 12.67
N LEU C 132 14.47 -9.37 13.04
CA LEU C 132 15.34 -8.27 12.67
C LEU C 132 15.90 -7.51 13.86
N ARG C 133 17.16 -7.11 13.76
CA ARG C 133 17.79 -6.34 14.82
C ARG C 133 18.76 -5.33 14.22
N VAL C 134 18.71 -4.10 14.73
CA VAL C 134 19.61 -3.08 14.26
C VAL C 134 20.27 -2.50 15.52
N ASP C 135 21.58 -2.41 15.48
CA ASP C 135 22.38 -1.93 16.59
C ASP C 135 22.02 -2.61 17.90
N GLY C 136 21.76 -3.91 17.82
CA GLY C 136 21.44 -4.68 19.00
C GLY C 136 19.99 -4.84 19.38
N VAL C 137 19.19 -3.78 19.28
CA VAL C 137 17.78 -3.89 19.65
C VAL C 137 16.89 -4.61 18.65
N GLU C 138 16.01 -5.46 19.17
CA GLU C 138 15.08 -6.21 18.36
C GLU C 138 14.04 -5.27 17.80
N VAL C 139 14.01 -5.18 16.47
CA VAL C 139 13.08 -4.29 15.79
C VAL C 139 11.84 -4.98 15.24
N ASP C 140 11.93 -6.27 14.95
CA ASP C 140 10.76 -6.96 14.42
C ASP C 140 10.98 -8.46 14.21
N ARG C 141 9.88 -9.17 14.03
CA ARG C 141 9.90 -10.60 13.78
C ARG C 141 8.64 -10.78 12.97
N ILE C 142 8.78 -11.29 11.76
CA ILE C 142 7.63 -11.46 10.90
C ILE C 142 7.78 -12.64 9.94
N ARG C 143 6.66 -13.22 9.51
CA ARG C 143 6.68 -14.31 8.57
C ARG C 143 6.50 -13.66 7.20
N CYS C 144 7.29 -14.10 6.22
CA CYS C 144 7.26 -13.50 4.89
C CYS C 144 8.00 -14.36 3.88
N ASP C 145 7.91 -13.98 2.61
CA ASP C 145 8.59 -14.70 1.54
C ASP C 145 10.08 -14.40 1.62
N GLY C 146 10.38 -13.19 2.08
CA GLY C 146 11.75 -12.76 2.21
C GLY C 146 11.83 -11.40 2.88
N PHE C 147 13.05 -10.92 3.10
CA PHE C 147 13.27 -9.62 3.71
C PHE C 147 14.45 -8.89 3.04
N ILE C 148 14.24 -7.62 2.71
CA ILE C 148 15.24 -6.80 2.04
C ILE C 148 15.91 -5.75 2.92
N VAL C 149 17.23 -5.64 2.79
CA VAL C 149 18.02 -4.65 3.52
C VAL C 149 18.69 -3.86 2.39
N ALA C 150 18.06 -2.76 1.95
CA ALA C 150 18.60 -1.97 0.86
C ALA C 150 19.18 -0.60 1.23
N THR C 151 20.02 -0.06 0.35
CA THR C 151 20.59 1.27 0.55
C THR C 151 19.63 2.18 -0.20
N GLN C 152 19.84 3.49 -0.11
CA GLN C 152 18.98 4.42 -0.80
C GLN C 152 19.06 4.18 -2.31
N ILE C 153 20.22 3.73 -2.78
CA ILE C 153 20.37 3.47 -4.21
C ILE C 153 19.50 2.29 -4.63
N GLY C 154 19.29 1.38 -3.68
CA GLY C 154 18.45 0.22 -3.94
C GLY C 154 16.99 0.50 -3.65
N SER C 155 16.69 1.68 -3.12
CA SER C 155 15.30 1.99 -2.81
C SER C 155 14.42 1.91 -4.06
N THR C 156 15.02 1.96 -5.24
CA THR C 156 14.23 1.89 -6.47
C THR C 156 14.27 0.52 -7.14
N GLY C 157 14.86 -0.46 -6.46
CA GLY C 157 14.92 -1.81 -7.01
C GLY C 157 13.94 -2.78 -6.37
N TYR C 158 14.44 -3.89 -5.84
CA TYR C 158 13.61 -4.89 -5.19
C TYR C 158 12.76 -4.23 -4.08
N ALA C 159 13.39 -3.41 -3.25
CA ALA C 159 12.68 -2.72 -2.18
C ALA C 159 11.46 -1.96 -2.70
N PHE C 160 11.61 -1.36 -3.88
CA PHE C 160 10.55 -0.57 -4.52
C PHE C 160 9.34 -1.46 -4.80
N SER C 161 9.60 -2.65 -5.34
CA SER C 161 8.53 -3.58 -5.67
C SER C 161 7.83 -4.12 -4.43
N ALA C 162 8.55 -4.19 -3.31
CA ALA C 162 7.93 -4.67 -2.07
C ALA C 162 7.12 -3.53 -1.42
N GLY C 163 7.06 -2.39 -2.10
CA GLY C 163 6.31 -1.25 -1.59
C GLY C 163 7.12 -0.25 -0.78
N GLY C 164 8.42 -0.20 -1.03
CA GLY C 164 9.27 0.72 -0.30
C GLY C 164 9.20 2.14 -0.84
N PRO C 165 9.63 3.13 -0.05
CA PRO C 165 9.60 4.53 -0.49
C PRO C 165 10.75 4.85 -1.44
N VAL C 166 10.55 5.85 -2.30
CA VAL C 166 11.63 6.26 -3.19
C VAL C 166 12.49 7.19 -2.34
N VAL C 167 13.76 6.84 -2.18
CA VAL C 167 14.67 7.63 -1.39
C VAL C 167 15.72 8.29 -2.28
N GLU C 168 15.96 9.57 -2.01
CA GLU C 168 16.92 10.37 -2.75
C GLU C 168 18.33 9.72 -2.74
N PRO C 169 19.06 9.80 -3.87
CA PRO C 169 20.40 9.22 -3.97
C PRO C 169 21.45 9.79 -3.01
N TYR C 170 21.28 11.04 -2.59
CA TYR C 170 22.27 11.63 -1.71
C TYR C 170 21.97 11.59 -0.22
N LEU C 171 21.01 10.77 0.16
CA LEU C 171 20.66 10.59 1.56
C LEU C 171 21.03 9.15 1.92
N GLU C 172 22.10 8.97 2.69
CA GLU C 172 22.52 7.62 3.07
C GLU C 172 21.59 7.04 4.10
N CYS C 173 21.20 5.78 3.90
CA CYS C 173 20.30 5.11 4.82
C CYS C 173 20.00 3.68 4.40
N PHE C 174 19.31 2.96 5.27
CA PHE C 174 18.90 1.57 5.05
C PHE C 174 17.38 1.51 4.99
N ILE C 175 16.84 0.88 3.95
CA ILE C 175 15.39 0.69 3.86
C ILE C 175 15.21 -0.77 4.27
N LEU C 176 14.48 -1.00 5.36
CA LEU C 176 14.25 -2.35 5.86
C LEU C 176 12.81 -2.69 5.55
N ILE C 177 12.60 -3.68 4.69
CA ILE C 177 11.25 -4.01 4.30
C ILE C 177 11.06 -5.49 3.96
N PRO C 178 9.88 -6.05 4.29
CA PRO C 178 9.62 -7.46 3.99
C PRO C 178 8.92 -7.65 2.65
N ILE C 179 9.08 -8.82 2.07
CA ILE C 179 8.42 -9.18 0.82
C ILE C 179 7.26 -10.08 1.20
N ALA C 180 6.05 -9.71 0.81
CA ALA C 180 4.86 -10.50 1.10
C ALA C 180 4.74 -10.86 2.58
N PRO C 181 4.72 -9.87 3.46
CA PRO C 181 4.61 -10.13 4.89
C PRO C 181 3.21 -10.64 5.27
N PHE C 182 3.15 -11.75 5.98
CA PHE C 182 1.87 -12.33 6.40
C PHE C 182 1.48 -11.79 7.79
N ARG C 183 0.97 -10.57 7.80
CA ARG C 183 0.59 -9.91 9.04
C ARG C 183 -0.35 -8.75 8.69
N PHE C 184 -1.31 -8.46 9.56
CA PHE C 184 -2.27 -7.39 9.33
C PHE C 184 -1.55 -6.07 9.02
N GLY C 185 -0.76 -5.57 9.96
CA GLY C 185 -0.04 -4.33 9.72
C GLY C 185 1.46 -4.50 9.59
N TRP C 186 2.08 -3.66 8.77
CA TRP C 186 3.53 -3.68 8.60
C TRP C 186 3.95 -2.41 7.87
N LYS C 187 5.18 -1.98 8.14
CA LYS C 187 5.72 -0.77 7.55
C LYS C 187 7.21 -0.90 7.26
N PRO C 188 7.69 -0.18 6.23
CA PRO C 188 9.11 -0.23 5.88
C PRO C 188 9.77 0.67 6.94
N TYR C 189 11.02 0.39 7.30
CA TYR C 189 11.76 1.21 8.26
C TYR C 189 12.97 1.80 7.56
N VAL C 190 13.21 3.08 7.76
CA VAL C 190 14.35 3.76 7.16
C VAL C 190 15.25 4.18 8.32
N VAL C 191 16.44 3.57 8.40
CA VAL C 191 17.37 3.87 9.49
C VAL C 191 18.74 4.30 8.97
N SER C 192 19.53 4.93 9.84
CA SER C 192 20.86 5.39 9.48
C SER C 192 21.74 4.25 8.98
N MET C 193 22.47 4.48 7.90
CA MET C 193 23.34 3.45 7.36
C MET C 193 24.63 3.30 8.16
N GLU C 194 24.67 3.84 9.37
CA GLU C 194 25.85 3.70 10.21
C GLU C 194 25.61 2.56 11.21
N ARG C 195 24.36 2.12 11.29
CA ARG C 195 23.96 1.06 12.20
C ARG C 195 24.25 -0.35 11.69
N LYS C 196 24.19 -1.33 12.60
CA LYS C 196 24.44 -2.71 12.23
C LYS C 196 23.14 -3.47 12.11
N ILE C 197 22.90 -4.08 10.96
CA ILE C 197 21.68 -4.84 10.75
C ILE C 197 21.93 -6.33 10.98
N GLU C 198 20.95 -7.01 11.59
CA GLU C 198 21.04 -8.43 11.84
C GLU C 198 19.73 -9.10 11.47
N VAL C 199 19.83 -10.13 10.64
CA VAL C 199 18.67 -10.88 10.20
C VAL C 199 18.85 -12.32 10.69
N ILE C 200 17.83 -12.84 11.38
CA ILE C 200 17.87 -14.19 11.89
C ILE C 200 16.78 -14.99 11.18
N ALA C 201 17.17 -16.07 10.50
CA ALA C 201 16.20 -16.89 9.79
C ALA C 201 16.74 -18.29 9.51
N GLU C 202 15.84 -19.27 9.45
CA GLU C 202 16.20 -20.66 9.17
C GLU C 202 15.79 -21.02 7.74
N LYS C 203 16.43 -22.04 7.16
CA LYS C 203 16.13 -22.47 5.80
C LYS C 203 16.06 -21.31 4.83
N ALA C 204 17.01 -20.38 4.95
CA ALA C 204 17.02 -19.20 4.10
C ALA C 204 18.22 -19.09 3.17
N ILE C 205 18.14 -18.14 2.26
CA ILE C 205 19.19 -17.85 1.30
C ILE C 205 19.47 -16.33 1.27
N VAL C 206 20.73 -15.92 1.18
CA VAL C 206 21.12 -14.50 1.14
C VAL C 206 21.60 -14.17 -0.27
N VAL C 207 21.14 -13.05 -0.82
CA VAL C 207 21.54 -12.65 -2.15
C VAL C 207 22.01 -11.21 -2.14
N ALA C 208 23.14 -10.94 -2.79
CA ALA C 208 23.68 -9.59 -2.85
C ALA C 208 23.51 -9.03 -4.25
N ASP C 209 22.86 -7.88 -4.36
CA ASP C 209 22.61 -7.23 -5.64
C ASP C 209 22.11 -8.18 -6.72
N GLY C 210 21.54 -9.31 -6.30
CA GLY C 210 21.01 -10.29 -7.23
C GLY C 210 22.07 -11.08 -7.98
N GLN C 211 23.31 -11.05 -7.51
CA GLN C 211 24.39 -11.77 -8.19
C GLN C 211 24.93 -12.93 -7.39
N LYS C 212 25.41 -12.68 -6.18
CA LYS C 212 25.96 -13.76 -5.38
C LYS C 212 25.05 -14.15 -4.21
N SER C 213 24.78 -15.45 -4.12
CA SER C 213 23.93 -16.00 -3.09
C SER C 213 24.66 -17.07 -2.29
N VAL C 214 24.00 -17.57 -1.26
CA VAL C 214 24.58 -18.58 -0.41
C VAL C 214 23.53 -18.93 0.64
N ASP C 215 23.39 -20.21 0.93
CA ASP C 215 22.44 -20.65 1.94
C ASP C 215 23.00 -20.36 3.33
N PHE C 216 22.11 -20.13 4.29
CA PHE C 216 22.55 -19.90 5.66
C PHE C 216 21.41 -20.24 6.59
N ASP C 217 21.77 -20.56 7.83
CA ASP C 217 20.80 -20.89 8.88
C ASP C 217 21.25 -20.19 10.16
N GLY C 218 20.43 -19.26 10.62
CA GLY C 218 20.79 -18.55 11.82
C GLY C 218 20.90 -17.06 11.60
N GLU C 219 21.95 -16.48 12.17
CA GLU C 219 22.17 -15.05 12.10
C GLU C 219 23.22 -14.61 11.06
N ILE C 220 22.98 -13.43 10.49
CA ILE C 220 23.91 -12.82 9.53
C ILE C 220 23.84 -11.34 9.81
N THR C 221 24.99 -10.66 9.79
CA THR C 221 24.98 -9.23 10.03
C THR C 221 25.29 -8.50 8.73
N ILE C 222 24.69 -7.31 8.60
CA ILE C 222 24.85 -6.49 7.42
C ILE C 222 25.28 -5.10 7.84
N GLU C 223 26.33 -4.57 7.23
CA GLU C 223 26.76 -3.23 7.59
C GLU C 223 27.56 -2.52 6.50
N LYS C 224 27.60 -1.20 6.60
CA LYS C 224 28.30 -0.35 5.65
C LYS C 224 29.77 -0.68 5.53
N SER C 225 30.23 -0.89 4.30
CA SER C 225 31.65 -1.20 4.07
C SER C 225 32.51 0.05 3.83
N GLU C 226 33.78 -0.20 3.51
CA GLU C 226 34.73 0.86 3.25
C GLU C 226 35.03 1.01 1.78
N PHE C 227 34.30 0.29 0.93
CA PHE C 227 34.55 0.36 -0.50
C PHE C 227 33.32 0.72 -1.33
N PRO C 228 33.07 2.03 -1.48
CA PRO C 228 31.95 2.60 -2.23
C PRO C 228 31.98 2.36 -3.73
N ALA C 229 30.83 2.60 -4.36
CA ALA C 229 30.73 2.50 -5.81
C ALA C 229 31.10 3.93 -6.23
N VAL C 230 31.94 4.06 -7.25
CA VAL C 230 32.35 5.37 -7.68
C VAL C 230 31.92 5.66 -9.11
N PHE C 231 31.17 6.73 -9.31
CA PHE C 231 30.72 7.07 -10.66
C PHE C 231 31.16 8.48 -11.00
N PHE C 232 31.13 8.82 -12.29
CA PHE C 232 31.47 10.19 -12.66
C PHE C 232 30.28 10.98 -12.15
N LYS C 233 30.50 12.21 -11.73
CA LYS C 233 29.39 13.00 -11.21
C LYS C 233 28.32 13.22 -12.27
N ASN C 234 27.07 13.08 -11.84
CA ASN C 234 25.94 13.30 -12.73
C ASN C 234 25.23 14.53 -12.18
N GLU C 235 25.48 15.66 -12.81
CA GLU C 235 24.95 16.97 -12.43
C GLU C 235 23.43 17.03 -12.31
N LYS C 236 22.72 16.14 -13.01
CA LYS C 236 21.26 16.13 -12.96
C LYS C 236 20.68 14.89 -12.26
N ARG C 237 21.50 14.14 -11.53
CA ARG C 237 21.03 12.94 -10.87
C ARG C 237 19.76 13.17 -10.06
N PHE C 238 19.74 14.22 -9.25
CA PHE C 238 18.55 14.48 -8.46
C PHE C 238 17.29 14.75 -9.30
N ARG C 239 17.39 15.61 -10.31
CA ARG C 239 16.21 15.92 -11.11
C ARG C 239 15.70 14.78 -11.98
N ASN C 240 16.60 13.97 -12.53
CA ASN C 240 16.19 12.85 -13.39
C ASN C 240 15.66 11.63 -12.64
N LEU C 241 15.81 11.62 -11.31
CA LEU C 241 15.37 10.51 -10.49
C LEU C 241 13.86 10.33 -10.53
N PHE C 242 13.13 11.41 -10.31
CA PHE C 242 11.67 11.38 -10.28
C PHE C 242 11.07 10.98 -11.62
N GLY C 243 11.69 11.43 -12.71
CA GLY C 243 11.19 11.06 -14.02
C GLY C 243 11.42 9.59 -14.32
N LYS C 244 12.65 9.12 -14.12
CA LYS C 244 12.99 7.73 -14.37
C LYS C 244 12.14 6.76 -13.53
N VAL C 245 11.84 7.16 -12.29
CA VAL C 245 11.06 6.31 -11.40
C VAL C 245 9.64 6.09 -11.91
N ARG C 246 9.00 7.12 -12.45
CA ARG C 246 7.64 6.96 -12.94
C ARG C 246 7.55 6.07 -14.17
N SER C 247 8.67 5.85 -14.83
CA SER C 247 8.68 5.01 -16.03
C SER C 247 9.22 3.60 -15.78
N ILE C 248 9.44 3.26 -14.51
CA ILE C 248 9.96 1.94 -14.17
C ILE C 248 9.01 0.84 -14.63
N GLY C 249 9.60 -0.15 -15.29
CA GLY C 249 8.86 -1.28 -15.81
C GLY C 249 9.74 -2.53 -15.78
N MET D 1 17.11 26.99 40.08
CA MET D 1 16.56 26.36 38.85
C MET D 1 15.04 26.17 38.90
N ARG D 2 14.34 26.85 38.00
CA ARG D 2 12.88 26.78 37.91
C ARG D 2 12.37 26.04 36.66
N ALA D 3 11.25 25.35 36.80
CA ALA D 3 10.66 24.59 35.70
C ALA D 3 9.14 24.81 35.61
N ALA D 4 8.61 24.69 34.41
CA ALA D 4 7.18 24.85 34.17
C ALA D 4 6.51 23.51 33.87
N VAL D 5 5.40 23.23 34.55
CA VAL D 5 4.66 22.00 34.32
C VAL D 5 3.39 22.29 33.54
N VAL D 6 3.34 21.84 32.29
CA VAL D 6 2.16 22.07 31.45
C VAL D 6 1.30 20.82 31.39
N TYR D 7 0.00 20.99 31.58
CA TYR D 7 -0.92 19.86 31.55
C TYR D 7 -2.27 20.18 30.91
N LYS D 8 -2.97 19.14 30.49
CA LYS D 8 -4.30 19.31 29.88
C LYS D 8 -5.34 19.08 30.96
N THR D 9 -5.26 17.91 31.61
CA THR D 9 -6.17 17.58 32.69
C THR D 9 -5.34 17.43 33.97
N ASP D 10 -6.01 17.54 35.12
CA ASP D 10 -5.33 17.45 36.42
C ASP D 10 -4.64 16.15 36.73
N GLY D 11 -4.76 15.20 35.81
CA GLY D 11 -4.14 13.88 35.92
C GLY D 11 -3.21 13.52 37.07
N HIS D 12 -1.91 13.67 36.89
CA HIS D 12 -0.97 13.30 37.95
C HIS D 12 -0.16 14.48 38.42
N VAL D 13 -0.62 15.68 38.09
CA VAL D 13 0.04 16.92 38.42
C VAL D 13 0.53 17.07 39.87
N LYS D 14 -0.25 16.56 40.82
CA LYS D 14 0.12 16.63 42.24
C LYS D 14 1.48 15.97 42.47
N ARG D 15 1.53 14.66 42.24
CA ARG D 15 2.75 13.90 42.43
C ARG D 15 3.95 14.42 41.62
N ILE D 16 3.69 14.84 40.38
CA ILE D 16 4.75 15.37 39.52
C ILE D 16 5.35 16.63 40.12
N GLU D 17 4.48 17.44 40.71
CA GLU D 17 4.86 18.69 41.34
C GLU D 17 5.74 18.44 42.57
N GLU D 18 5.36 17.43 43.35
CA GLU D 18 6.10 17.08 44.56
C GLU D 18 7.46 16.47 44.21
N ALA D 19 7.51 15.78 43.08
CA ALA D 19 8.75 15.16 42.64
C ALA D 19 9.76 16.22 42.24
N LEU D 20 9.28 17.26 41.57
CA LEU D 20 10.16 18.36 41.16
C LEU D 20 10.59 19.12 42.40
N LYS D 21 9.77 19.01 43.44
CA LYS D 21 10.02 19.67 44.72
C LYS D 21 11.17 18.98 45.42
N ARG D 22 11.08 17.65 45.56
CA ARG D 22 12.12 16.87 46.20
C ARG D 22 13.47 17.06 45.49
N LEU D 23 13.41 17.36 44.20
CA LEU D 23 14.62 17.57 43.41
C LEU D 23 14.99 19.04 43.50
N GLU D 24 14.37 19.72 44.48
CA GLU D 24 14.58 21.13 44.74
C GLU D 24 14.53 22.01 43.50
N VAL D 25 13.41 21.91 42.80
CA VAL D 25 13.19 22.71 41.60
C VAL D 25 11.95 23.57 41.82
N GLU D 26 12.07 24.85 41.50
CA GLU D 26 10.94 25.75 41.65
C GLU D 26 9.90 25.32 40.62
N VAL D 27 8.63 25.40 40.96
CA VAL D 27 7.59 24.99 40.03
C VAL D 27 6.51 26.04 39.74
N GLU D 28 6.03 26.03 38.51
CA GLU D 28 4.95 26.93 38.08
C GLU D 28 4.04 26.13 37.14
N LEU D 29 2.81 25.91 37.58
CA LEU D 29 1.85 25.15 36.80
C LEU D 29 1.17 25.97 35.72
N PHE D 30 0.89 25.33 34.59
CA PHE D 30 0.21 25.99 33.48
C PHE D 30 -0.97 25.18 32.97
N ASN D 31 -2.13 25.83 32.88
CA ASN D 31 -3.36 25.21 32.39
C ASN D 31 -3.22 24.97 30.90
N GLN D 32 -2.60 25.93 30.22
CA GLN D 32 -2.40 25.88 28.78
C GLN D 32 -1.07 26.53 28.41
N PRO D 33 -0.55 26.22 27.22
CA PRO D 33 0.71 26.77 26.73
C PRO D 33 0.74 28.30 26.66
N SER D 34 1.92 28.87 26.89
CA SER D 34 2.09 30.32 26.86
C SER D 34 3.54 30.65 26.57
N GLU D 35 3.78 31.72 25.81
CA GLU D 35 5.14 32.14 25.47
C GLU D 35 5.98 32.38 26.72
N GLU D 36 5.30 32.51 27.85
CA GLU D 36 5.98 32.74 29.10
C GLU D 36 6.94 31.58 29.36
N LEU D 37 6.61 30.43 28.78
CA LEU D 37 7.42 29.22 28.94
C LEU D 37 8.91 29.33 28.60
N GLU D 38 9.28 30.31 27.77
CA GLU D 38 10.68 30.50 27.39
C GLU D 38 11.55 30.87 28.58
N ASN D 39 10.93 31.41 29.62
CA ASN D 39 11.65 31.85 30.80
C ASN D 39 11.88 30.80 31.87
N PHE D 40 12.11 29.56 31.47
CA PHE D 40 12.37 28.49 32.43
C PHE D 40 13.61 27.70 32.03
N ASP D 41 14.04 26.84 32.94
CA ASP D 41 15.23 26.03 32.70
C ASP D 41 14.85 24.76 31.95
N PHE D 42 13.62 24.31 32.16
CA PHE D 42 13.12 23.14 31.47
C PHE D 42 11.63 23.01 31.70
N ILE D 43 10.96 22.29 30.81
CA ILE D 43 9.52 22.10 30.87
C ILE D 43 9.12 20.62 31.05
N VAL D 44 8.05 20.39 31.80
CA VAL D 44 7.55 19.05 32.00
C VAL D 44 6.15 19.02 31.42
N SER D 45 5.99 18.26 30.33
CA SER D 45 4.70 18.12 29.66
C SER D 45 3.95 16.94 30.27
N VAL D 46 2.67 17.14 30.55
CA VAL D 46 1.86 16.07 31.13
C VAL D 46 0.65 15.86 30.24
N GLY D 47 0.67 14.79 29.46
CA GLY D 47 -0.44 14.48 28.55
C GLY D 47 -0.08 13.46 27.50
N GLY D 48 0.26 13.94 26.30
CA GLY D 48 0.63 13.04 25.22
C GLY D 48 1.53 13.76 24.23
N ASP D 49 1.61 13.25 23.01
CA ASP D 49 2.45 13.90 21.99
C ASP D 49 1.78 15.21 21.60
N GLY D 50 0.45 15.20 21.60
CA GLY D 50 -0.29 16.39 21.23
C GLY D 50 0.04 17.53 22.16
N THR D 51 0.20 17.21 23.44
CA THR D 51 0.52 18.22 24.42
C THR D 51 1.84 18.90 24.09
N ILE D 52 2.85 18.10 23.77
CA ILE D 52 4.17 18.62 23.43
C ILE D 52 4.14 19.48 22.17
N LEU D 53 3.30 19.12 21.21
CA LEU D 53 3.18 19.88 19.96
C LEU D 53 2.63 21.27 20.24
N ARG D 54 1.63 21.33 21.11
CA ARG D 54 0.99 22.57 21.49
C ARG D 54 1.96 23.46 22.26
N ILE D 55 2.77 22.85 23.13
CA ILE D 55 3.76 23.58 23.90
C ILE D 55 4.78 24.20 22.96
N LEU D 56 5.24 23.42 21.99
CA LEU D 56 6.23 23.91 21.01
C LEU D 56 5.75 25.05 20.09
N GLN D 57 4.44 25.22 19.95
CA GLN D 57 3.92 26.30 19.10
C GLN D 57 4.12 27.67 19.75
N LYS D 58 4.43 27.66 21.04
CA LYS D 58 4.64 28.89 21.80
C LYS D 58 6.12 29.21 21.93
N LEU D 59 6.95 28.20 21.73
CA LEU D 59 8.39 28.35 21.87
C LEU D 59 9.11 28.61 20.55
N LYS D 60 10.09 29.49 20.61
CA LYS D 60 10.92 29.80 19.45
C LYS D 60 12.25 29.26 19.94
N ARG D 61 12.83 29.92 20.92
CA ARG D 61 14.05 29.44 21.54
C ARG D 61 13.38 28.37 22.41
N CYS D 62 13.96 27.19 22.55
CA CYS D 62 13.27 26.15 23.31
C CYS D 62 13.98 25.49 24.47
N PRO D 63 13.44 25.65 25.69
CA PRO D 63 14.06 25.02 26.85
C PRO D 63 13.76 23.51 26.85
N PRO D 64 14.67 22.70 27.41
CA PRO D 64 14.55 21.24 27.48
C PRO D 64 13.16 20.74 27.86
N ILE D 65 12.59 19.88 27.04
CA ILE D 65 11.27 19.34 27.34
C ILE D 65 11.34 17.88 27.81
N PHE D 66 10.67 17.61 28.91
CA PHE D 66 10.60 16.27 29.48
C PHE D 66 9.12 15.96 29.40
N GLY D 67 8.75 14.95 28.63
CA GLY D 67 7.34 14.62 28.47
C GLY D 67 6.87 13.42 29.25
N ILE D 68 5.66 13.49 29.78
CA ILE D 68 5.06 12.40 30.52
C ILE D 68 3.83 11.95 29.76
N ASN D 69 3.85 10.71 29.29
CA ASN D 69 2.73 10.18 28.54
C ASN D 69 1.64 9.69 29.47
N THR D 70 0.49 10.32 29.37
CA THR D 70 -0.66 10.00 30.20
C THR D 70 -1.61 9.05 29.47
N GLY D 71 -1.44 8.92 28.16
CA GLY D 71 -2.31 8.06 27.37
C GLY D 71 -1.74 6.74 26.89
N ARG D 72 -1.92 6.44 25.61
CA ARG D 72 -1.46 5.19 25.01
C ARG D 72 -0.05 5.19 24.47
N VAL D 73 0.15 5.89 23.35
CA VAL D 73 1.48 5.94 22.74
C VAL D 73 2.07 7.32 22.80
N GLY D 74 3.34 7.39 23.19
CA GLY D 74 4.01 8.66 23.27
C GLY D 74 5.38 8.61 22.61
N LEU D 75 5.42 8.88 21.31
CA LEU D 75 6.67 8.86 20.56
C LEU D 75 7.61 9.98 21.02
N LEU D 76 7.05 11.03 21.62
CA LEU D 76 7.83 12.17 22.07
C LEU D 76 8.02 12.24 23.58
N THR D 77 7.36 11.36 24.32
CA THR D 77 7.47 11.40 25.77
C THR D 77 8.64 10.59 26.29
N HIS D 78 8.98 10.81 27.57
CA HIS D 78 10.09 10.13 28.22
C HIS D 78 9.68 9.05 29.21
N ALA D 79 8.49 9.18 29.78
CA ALA D 79 8.02 8.18 30.74
C ALA D 79 6.52 8.29 30.93
N SER D 80 5.98 7.37 31.73
CA SER D 80 4.56 7.34 32.02
C SER D 80 4.43 7.67 33.50
N PRO D 81 3.19 7.73 34.03
CA PRO D 81 3.01 8.03 35.45
C PRO D 81 3.74 6.99 36.31
N GLU D 82 3.88 5.80 35.75
CA GLU D 82 4.52 4.67 36.41
C GLU D 82 6.01 4.78 36.73
N ASN D 83 6.74 5.61 35.99
CA ASN D 83 8.17 5.70 36.22
C ASN D 83 8.79 7.06 36.01
N PHE D 84 7.96 8.09 35.96
CA PHE D 84 8.48 9.44 35.74
C PHE D 84 9.48 9.92 36.80
N GLU D 85 9.31 9.49 38.05
CA GLU D 85 10.23 9.91 39.11
C GLU D 85 11.67 9.53 38.80
N VAL D 86 11.89 8.23 38.61
CA VAL D 86 13.22 7.72 38.28
C VAL D 86 13.85 8.49 37.11
N GLU D 87 13.11 8.54 36.01
CA GLU D 87 13.55 9.19 34.78
C GLU D 87 13.74 10.70 34.91
N LEU D 88 12.80 11.36 35.59
CA LEU D 88 12.87 12.79 35.76
C LEU D 88 14.15 13.12 36.51
N LYS D 89 14.38 12.38 37.58
CA LYS D 89 15.56 12.55 38.43
C LYS D 89 16.82 12.48 37.56
N LYS D 90 16.92 11.42 36.76
CA LYS D 90 18.07 11.23 35.88
C LYS D 90 18.20 12.36 34.86
N ALA D 91 17.09 12.79 34.30
CA ALA D 91 17.11 13.86 33.32
C ALA D 91 17.54 15.18 33.93
N VAL D 92 16.89 15.53 35.03
CA VAL D 92 17.18 16.80 35.70
C VAL D 92 18.60 16.91 36.24
N GLU D 93 19.22 15.79 36.61
CA GLU D 93 20.59 15.87 37.11
C GLU D 93 21.66 15.65 36.04
N LYS D 94 21.47 14.69 35.14
CA LYS D 94 22.46 14.45 34.08
C LYS D 94 22.43 15.60 33.06
N PHE D 95 21.25 16.21 32.95
CA PHE D 95 20.98 17.31 32.04
C PHE D 95 21.57 17.18 30.62
N GLU D 96 21.45 16.00 30.02
CA GLU D 96 21.92 15.78 28.65
C GLU D 96 20.73 16.16 27.75
N VAL D 97 20.97 17.03 26.79
CA VAL D 97 19.91 17.47 25.90
C VAL D 97 20.04 16.86 24.50
N GLU D 98 18.94 16.93 23.73
CA GLU D 98 18.86 16.33 22.40
C GLU D 98 18.02 17.23 21.48
N ARG D 99 18.39 17.34 20.21
CA ARG D 99 17.64 18.20 19.29
C ARG D 99 17.10 17.60 18.00
N PHE D 100 15.94 18.09 17.57
CA PHE D 100 15.31 17.65 16.33
C PHE D 100 14.81 18.89 15.61
N PRO D 101 15.16 19.03 14.32
CA PRO D 101 14.76 20.18 13.51
C PRO D 101 13.27 20.49 13.42
N ARG D 102 12.98 21.76 13.21
CA ARG D 102 11.61 22.23 13.04
C ARG D 102 11.56 22.98 11.71
N VAL D 103 10.42 22.93 11.06
CA VAL D 103 10.26 23.53 9.76
C VAL D 103 9.29 24.70 9.76
N SER D 104 9.33 25.49 8.69
CA SER D 104 8.43 26.64 8.53
C SER D 104 8.10 26.81 7.05
N CYS D 105 6.95 27.42 6.77
CA CYS D 105 6.55 27.69 5.39
C CYS D 105 6.30 29.18 5.25
N SER D 106 6.53 29.71 4.05
CA SER D 106 6.37 31.12 3.77
C SER D 106 4.99 31.72 4.03
N ALA D 107 3.95 30.87 4.09
CA ALA D 107 2.60 31.35 4.32
C ALA D 107 2.34 31.73 5.78
N MET D 108 3.17 31.23 6.69
CA MET D 108 3.06 31.52 8.12
C MET D 108 4.47 31.61 8.65
N PRO D 109 5.13 32.75 8.39
CA PRO D 109 6.52 33.06 8.78
C PRO D 109 6.93 32.84 10.23
N ASP D 110 6.01 33.04 11.17
CA ASP D 110 6.36 32.87 12.57
C ASP D 110 6.05 31.51 13.20
N VAL D 111 5.47 30.61 12.42
CA VAL D 111 5.15 29.29 12.95
C VAL D 111 6.24 28.27 12.61
N LEU D 112 6.45 27.38 13.56
CA LEU D 112 7.43 26.32 13.42
C LEU D 112 6.68 25.00 13.56
N ALA D 113 7.15 23.96 12.88
CA ALA D 113 6.48 22.67 12.95
C ALA D 113 7.47 21.52 13.16
N LEU D 114 7.13 20.63 14.08
CA LEU D 114 7.96 19.45 14.36
C LEU D 114 7.53 18.24 13.51
N ASN D 115 6.22 18.01 13.39
CA ASN D 115 5.71 16.89 12.60
C ASN D 115 5.69 17.19 11.10
N GLU D 116 4.89 18.16 10.69
CA GLU D 116 4.80 18.46 9.27
C GLU D 116 4.00 19.70 8.91
N ILE D 117 4.03 20.03 7.61
CA ILE D 117 3.28 21.13 7.03
C ILE D 117 2.37 20.41 6.03
N ALA D 118 1.06 20.52 6.19
CA ALA D 118 0.12 19.87 5.27
C ALA D 118 -0.68 20.85 4.41
N VAL D 119 -0.77 20.56 3.12
CA VAL D 119 -1.52 21.40 2.20
C VAL D 119 -2.79 20.64 1.83
N LEU D 120 -3.90 21.08 2.41
CA LEU D 120 -5.18 20.44 2.18
C LEU D 120 -6.16 21.35 1.47
N SER D 121 -7.20 20.75 0.88
CA SER D 121 -8.21 21.56 0.21
C SER D 121 -9.13 22.14 1.29
N ARG D 122 -9.65 23.33 1.04
CA ARG D 122 -10.52 24.02 1.99
C ARG D 122 -11.82 23.28 2.22
N LYS D 123 -12.45 22.81 1.15
CA LYS D 123 -13.70 22.07 1.31
C LYS D 123 -13.39 20.60 1.44
N PRO D 124 -14.19 19.87 2.22
CA PRO D 124 -13.93 18.44 2.35
C PRO D 124 -14.41 17.75 1.08
N ALA D 125 -13.95 16.52 0.86
CA ALA D 125 -14.36 15.74 -0.30
C ALA D 125 -14.04 16.41 -1.65
N LYS D 126 -13.16 17.40 -1.63
CA LYS D 126 -12.78 18.07 -2.86
C LYS D 126 -11.29 17.92 -3.06
N MET D 127 -10.89 17.60 -4.28
CA MET D 127 -9.48 17.43 -4.59
C MET D 127 -8.85 18.78 -4.89
N ILE D 128 -7.53 18.77 -5.05
CA ILE D 128 -6.78 19.96 -5.41
C ILE D 128 -5.64 19.47 -6.28
N ASP D 129 -5.22 20.31 -7.22
CA ASP D 129 -4.15 20.00 -8.13
C ASP D 129 -2.86 20.51 -7.49
N VAL D 130 -2.01 19.61 -7.03
CA VAL D 130 -0.80 20.03 -6.36
C VAL D 130 0.46 19.80 -7.17
N ALA D 131 1.27 20.85 -7.26
CA ALA D 131 2.53 20.78 -7.97
C ALA D 131 3.61 20.82 -6.90
N LEU D 132 4.60 19.94 -7.03
CA LEU D 132 5.69 19.86 -6.07
C LEU D 132 7.04 20.10 -6.69
N ARG D 133 7.85 20.94 -6.05
CA ARG D 133 9.19 21.24 -6.51
C ARG D 133 10.14 21.26 -5.31
N VAL D 134 11.38 20.83 -5.52
CA VAL D 134 12.37 20.85 -4.46
C VAL D 134 13.71 21.28 -5.08
N ASP D 135 14.30 22.32 -4.51
CA ASP D 135 15.54 22.88 -5.02
C ASP D 135 15.38 23.23 -6.50
N GLY D 136 14.23 23.83 -6.81
CA GLY D 136 13.94 24.27 -8.16
C GLY D 136 13.40 23.30 -9.19
N VAL D 137 13.73 22.02 -9.05
CA VAL D 137 13.28 21.01 -10.01
C VAL D 137 11.87 20.47 -9.76
N GLU D 138 11.05 20.43 -10.81
CA GLU D 138 9.69 19.93 -10.71
C GLU D 138 9.75 18.44 -10.45
N VAL D 139 9.28 18.01 -9.28
CA VAL D 139 9.35 16.60 -8.96
C VAL D 139 8.03 15.85 -9.08
N ASP D 140 6.92 16.57 -9.23
CA ASP D 140 5.62 15.92 -9.38
C ASP D 140 4.47 16.92 -9.37
N ARG D 141 3.36 16.51 -9.98
CA ARG D 141 2.13 17.29 -10.08
C ARG D 141 1.05 16.24 -9.92
N ILE D 142 0.15 16.41 -8.95
CA ILE D 142 -0.87 15.37 -8.73
C ILE D 142 -2.16 15.86 -8.10
N ARG D 143 -3.25 15.16 -8.39
CA ARG D 143 -4.57 15.49 -7.85
C ARG D 143 -4.74 14.64 -6.61
N CYS D 144 -5.06 15.28 -5.49
CA CYS D 144 -5.20 14.56 -4.21
C CYS D 144 -6.03 15.36 -3.23
N ASP D 145 -6.34 14.76 -2.07
CA ASP D 145 -7.11 15.44 -1.03
C ASP D 145 -6.20 16.46 -0.34
N GLY D 146 -4.89 16.26 -0.44
CA GLY D 146 -3.93 17.14 0.19
C GLY D 146 -2.53 16.58 0.04
N PHE D 147 -1.51 17.32 0.44
CA PHE D 147 -0.14 16.84 0.32
C PHE D 147 0.65 17.10 1.59
N ILE D 148 1.38 16.09 2.04
CA ILE D 148 2.15 16.20 3.27
C ILE D 148 3.67 16.33 3.07
N VAL D 149 4.25 17.30 3.77
CA VAL D 149 5.70 17.56 3.77
C VAL D 149 6.03 17.41 5.25
N ALA D 150 6.60 16.26 5.62
CA ALA D 150 6.91 15.97 7.02
C ALA D 150 8.37 15.73 7.33
N THR D 151 8.73 15.88 8.60
CA THR D 151 10.10 15.63 9.05
C THR D 151 10.13 14.14 9.42
N GLN D 152 11.28 13.64 9.84
CA GLN D 152 11.36 12.24 10.20
C GLN D 152 10.55 12.01 11.47
N ILE D 153 10.39 13.05 12.27
CA ILE D 153 9.62 12.94 13.51
C ILE D 153 8.15 12.85 13.13
N GLY D 154 7.79 13.50 12.03
CA GLY D 154 6.42 13.46 11.55
C GLY D 154 6.08 12.18 10.81
N SER D 155 7.09 11.38 10.46
CA SER D 155 6.86 10.14 9.72
C SER D 155 5.87 9.21 10.43
N THR D 156 5.69 9.38 11.74
CA THR D 156 4.75 8.54 12.47
C THR D 156 3.37 9.20 12.69
N GLY D 157 3.15 10.36 12.10
CA GLY D 157 1.86 11.02 12.24
C GLY D 157 1.00 10.98 10.97
N TYR D 158 0.60 12.14 10.49
CA TYR D 158 -0.22 12.25 9.28
C TYR D 158 0.44 11.46 8.12
N ALA D 159 1.73 11.69 7.88
CA ALA D 159 2.44 10.98 6.82
C ALA D 159 2.25 9.44 6.94
N PHE D 160 2.27 8.94 8.17
CA PHE D 160 2.11 7.51 8.45
C PHE D 160 0.76 7.00 7.93
N SER D 161 -0.31 7.76 8.16
CA SER D 161 -1.63 7.37 7.74
C SER D 161 -1.83 7.46 6.22
N ALA D 162 -1.07 8.34 5.59
CA ALA D 162 -1.17 8.50 4.15
C ALA D 162 -0.43 7.36 3.45
N GLY D 163 0.24 6.52 4.25
CA GLY D 163 0.97 5.39 3.72
C GLY D 163 2.47 5.57 3.70
N GLY D 164 2.97 6.53 4.47
CA GLY D 164 4.38 6.81 4.49
C GLY D 164 5.22 5.85 5.31
N PRO D 165 6.55 5.85 5.09
CA PRO D 165 7.48 4.98 5.81
C PRO D 165 7.82 5.52 7.20
N VAL D 166 8.11 4.65 8.15
CA VAL D 166 8.48 5.14 9.45
C VAL D 166 10.00 5.35 9.40
N VAL D 167 10.43 6.57 9.70
CA VAL D 167 11.84 6.92 9.67
C VAL D 167 12.42 7.14 11.07
N GLU D 168 13.61 6.62 11.28
CA GLU D 168 14.33 6.73 12.53
C GLU D 168 14.46 8.18 12.97
N PRO D 169 14.27 8.45 14.27
CA PRO D 169 14.36 9.80 14.82
C PRO D 169 15.66 10.53 14.49
N TYR D 170 16.77 9.80 14.49
CA TYR D 170 18.06 10.41 14.24
C TYR D 170 18.51 10.56 12.79
N LEU D 171 17.63 10.28 11.84
CA LEU D 171 17.97 10.44 10.44
C LEU D 171 17.15 11.63 9.95
N GLU D 172 17.81 12.74 9.67
CA GLU D 172 17.11 13.94 9.22
C GLU D 172 16.72 13.85 7.75
N CYS D 173 15.47 14.18 7.46
CA CYS D 173 15.00 14.10 6.08
C CYS D 173 13.56 14.60 5.98
N PHE D 174 13.11 14.84 4.76
CA PHE D 174 11.74 15.27 4.51
C PHE D 174 11.02 14.04 3.94
N ILE D 175 9.72 13.94 4.20
CA ILE D 175 8.92 12.85 3.64
C ILE D 175 7.78 13.56 2.95
N LEU D 176 7.77 13.45 1.62
CA LEU D 176 6.76 14.08 0.77
C LEU D 176 5.79 13.01 0.34
N ILE D 177 4.55 13.13 0.78
CA ILE D 177 3.55 12.13 0.45
C ILE D 177 2.15 12.73 0.29
N PRO D 178 1.39 12.26 -0.72
CA PRO D 178 0.04 12.77 -0.93
C PRO D 178 -1.00 12.03 -0.08
N ILE D 179 -2.14 12.69 0.11
CA ILE D 179 -3.25 12.13 0.87
C ILE D 179 -4.32 11.83 -0.18
N ALA D 180 -4.68 10.56 -0.34
CA ALA D 180 -5.70 10.13 -1.31
C ALA D 180 -5.36 10.63 -2.72
N PRO D 181 -4.22 10.20 -3.26
CA PRO D 181 -3.82 10.62 -4.60
C PRO D 181 -4.67 9.90 -5.66
N PHE D 182 -5.11 10.64 -6.67
CA PHE D 182 -5.92 10.04 -7.75
C PHE D 182 -5.06 9.80 -8.99
N ARG D 183 -4.29 8.72 -8.97
CA ARG D 183 -3.40 8.36 -10.07
C ARG D 183 -3.13 6.87 -9.93
N PHE D 184 -2.79 6.22 -11.04
CA PHE D 184 -2.52 4.77 -11.02
C PHE D 184 -1.31 4.48 -10.13
N GLY D 185 -0.21 5.21 -10.32
CA GLY D 185 0.94 4.97 -9.48
C GLY D 185 1.40 6.21 -8.75
N TRP D 186 1.99 6.00 -7.58
CA TRP D 186 2.54 7.10 -6.78
C TRP D 186 3.46 6.46 -5.73
N LYS D 187 4.35 7.27 -5.16
CA LYS D 187 5.27 6.80 -4.14
C LYS D 187 5.63 7.93 -3.21
N PRO D 188 5.96 7.59 -1.96
CA PRO D 188 6.34 8.64 -1.03
C PRO D 188 7.81 8.97 -1.39
N TYR D 189 8.21 10.23 -1.26
CA TYR D 189 9.60 10.59 -1.57
C TYR D 189 10.29 11.01 -0.30
N VAL D 190 11.48 10.46 -0.07
CA VAL D 190 12.27 10.81 1.10
C VAL D 190 13.50 11.57 0.60
N VAL D 191 13.57 12.87 0.85
CA VAL D 191 14.71 13.69 0.42
C VAL D 191 15.41 14.40 1.59
N SER D 192 16.59 14.93 1.33
CA SER D 192 17.39 15.64 2.34
C SER D 192 16.63 16.83 2.90
N MET D 193 16.78 17.06 4.21
CA MET D 193 16.09 18.18 4.82
C MET D 193 16.83 19.51 4.57
N GLU D 194 17.96 19.45 3.89
CA GLU D 194 18.71 20.66 3.56
C GLU D 194 18.08 21.31 2.33
N ARG D 195 17.25 20.54 1.64
CA ARG D 195 16.59 21.03 0.43
C ARG D 195 15.38 21.93 0.68
N LYS D 196 15.02 22.73 -0.32
CA LYS D 196 13.90 23.65 -0.25
C LYS D 196 12.66 23.05 -0.90
N ILE D 197 11.57 22.98 -0.15
CA ILE D 197 10.33 22.43 -0.69
C ILE D 197 9.39 23.53 -1.11
N GLU D 198 8.87 23.42 -2.34
CA GLU D 198 7.90 24.36 -2.88
C GLU D 198 6.66 23.60 -3.29
N VAL D 199 5.52 24.03 -2.79
CA VAL D 199 4.25 23.38 -3.10
C VAL D 199 3.33 24.39 -3.77
N ILE D 200 2.85 24.06 -4.96
CA ILE D 200 1.98 24.97 -5.69
C ILE D 200 0.56 24.44 -5.79
N ALA D 201 -0.40 25.21 -5.27
CA ALA D 201 -1.81 24.81 -5.29
C ALA D 201 -2.82 25.95 -5.12
N GLU D 202 -3.98 25.77 -5.72
CA GLU D 202 -5.07 26.74 -5.68
C GLU D 202 -6.17 26.34 -4.72
N LYS D 203 -6.81 27.33 -4.11
CA LYS D 203 -7.90 27.11 -3.17
C LYS D 203 -7.53 26.01 -2.20
N ALA D 204 -6.41 26.21 -1.52
CA ALA D 204 -5.91 25.25 -0.53
C ALA D 204 -5.81 25.90 0.84
N ILE D 205 -5.23 25.17 1.79
CA ILE D 205 -5.05 25.66 3.14
C ILE D 205 -3.80 24.97 3.71
N VAL D 206 -2.94 25.72 4.39
CA VAL D 206 -1.71 25.17 4.96
C VAL D 206 -1.90 24.96 6.45
N VAL D 207 -1.46 23.81 6.94
CA VAL D 207 -1.58 23.51 8.36
C VAL D 207 -0.22 23.05 8.87
N ALA D 208 0.17 23.53 10.05
CA ALA D 208 1.45 23.15 10.64
C ALA D 208 1.20 22.42 11.95
N ASP D 209 1.69 21.19 12.06
CA ASP D 209 1.53 20.39 13.26
C ASP D 209 0.08 20.32 13.72
N GLY D 210 -0.85 20.51 12.79
CA GLY D 210 -2.26 20.46 13.11
C GLY D 210 -2.77 21.60 13.99
N GLN D 211 -1.91 22.57 14.28
CA GLN D 211 -2.29 23.69 15.13
C GLN D 211 -2.68 24.95 14.34
N LYS D 212 -1.69 25.65 13.78
CA LYS D 212 -1.98 26.85 13.04
C LYS D 212 -2.16 26.64 11.54
N SER D 213 -3.20 27.27 10.99
CA SER D 213 -3.52 27.16 9.57
C SER D 213 -3.89 28.52 8.96
N VAL D 214 -3.66 28.64 7.66
CA VAL D 214 -3.96 29.87 6.93
C VAL D 214 -4.36 29.51 5.51
N ASP D 215 -5.45 30.10 5.00
CA ASP D 215 -5.86 29.84 3.62
C ASP D 215 -4.78 30.43 2.72
N PHE D 216 -4.55 29.83 1.56
CA PHE D 216 -3.56 30.38 0.66
C PHE D 216 -3.86 29.94 -0.76
N ASP D 217 -3.29 30.68 -1.71
CA ASP D 217 -3.49 30.36 -3.11
C ASP D 217 -2.21 30.66 -3.86
N GLY D 218 -1.77 29.69 -4.64
CA GLY D 218 -0.56 29.88 -5.40
C GLY D 218 0.61 29.00 -5.02
N GLU D 219 1.59 29.60 -4.38
CA GLU D 219 2.80 28.88 -4.04
C GLU D 219 3.32 29.17 -2.64
N ILE D 220 3.87 28.15 -1.99
CA ILE D 220 4.46 28.33 -0.66
C ILE D 220 5.82 27.66 -0.67
N THR D 221 6.66 28.06 0.29
CA THR D 221 8.00 27.54 0.42
C THR D 221 8.15 26.92 1.80
N ILE D 222 8.85 25.79 1.86
CA ILE D 222 9.06 25.10 3.13
C ILE D 222 10.52 24.74 3.32
N GLU D 223 11.12 25.18 4.42
CA GLU D 223 12.51 24.87 4.71
C GLU D 223 12.82 24.68 6.17
N LYS D 224 14.01 24.14 6.42
CA LYS D 224 14.51 23.87 7.77
C LYS D 224 14.73 25.19 8.51
N SER D 225 14.11 25.35 9.66
CA SER D 225 14.27 26.58 10.45
C SER D 225 15.55 26.51 11.25
N GLU D 226 15.76 27.52 12.09
CA GLU D 226 16.95 27.57 12.93
C GLU D 226 16.62 27.28 14.39
N PHE D 227 15.35 27.01 14.67
CA PHE D 227 14.92 26.74 16.04
C PHE D 227 14.37 25.34 16.26
N PRO D 228 15.24 24.40 16.64
CA PRO D 228 14.85 23.01 16.87
C PRO D 228 14.06 22.85 18.15
N ALA D 229 13.38 21.72 18.26
CA ALA D 229 12.64 21.40 19.47
C ALA D 229 13.72 20.72 20.29
N VAL D 230 13.76 21.03 21.58
CA VAL D 230 14.76 20.44 22.46
C VAL D 230 14.13 19.59 23.55
N PHE D 231 14.69 18.40 23.75
CA PHE D 231 14.21 17.47 24.76
C PHE D 231 15.42 16.93 25.51
N PHE D 232 15.17 16.27 26.63
CA PHE D 232 16.25 15.65 27.35
C PHE D 232 16.52 14.37 26.55
N LYS D 233 17.78 13.97 26.48
CA LYS D 233 18.12 12.76 25.75
C LYS D 233 17.36 11.55 26.29
N ASN D 234 16.68 10.83 25.40
CA ASN D 234 15.95 9.62 25.78
C ASN D 234 16.85 8.46 25.33
N GLU D 235 17.59 7.89 26.27
CA GLU D 235 18.51 6.80 25.99
C GLU D 235 17.92 5.69 25.12
N LYS D 236 16.65 5.36 25.32
CA LYS D 236 15.99 4.30 24.55
C LYS D 236 15.09 4.78 23.41
N ARG D 237 15.31 6.00 22.92
CA ARG D 237 14.49 6.54 21.85
C ARG D 237 14.36 5.57 20.67
N PHE D 238 15.50 5.16 20.12
CA PHE D 238 15.53 4.24 18.99
C PHE D 238 14.85 2.92 19.34
N ARG D 239 15.25 2.31 20.45
CA ARG D 239 14.66 1.05 20.86
C ARG D 239 13.13 1.06 20.95
N ASN D 240 12.57 2.04 21.66
CA ASN D 240 11.12 2.12 21.82
C ASN D 240 10.36 2.44 20.54
N LEU D 241 11.05 3.06 19.59
CA LEU D 241 10.44 3.46 18.32
C LEU D 241 9.56 2.39 17.69
N PHE D 242 10.14 1.22 17.45
CA PHE D 242 9.42 0.14 16.81
C PHE D 242 8.22 -0.40 17.61
N GLY D 243 8.39 -0.52 18.91
CA GLY D 243 7.28 -0.98 19.74
C GLY D 243 6.13 0.01 19.81
N LYS D 244 6.45 1.29 19.92
CA LYS D 244 5.42 2.34 19.99
C LYS D 244 4.62 2.44 18.69
N VAL D 245 5.29 2.25 17.56
CA VAL D 245 4.65 2.31 16.26
C VAL D 245 3.61 1.22 16.05
N ARG D 246 3.91 -0.01 16.46
CA ARG D 246 2.97 -1.12 16.26
C ARG D 246 1.68 -0.99 17.05
N SER D 247 1.65 -0.07 18.02
CA SER D 247 0.46 0.12 18.84
C SER D 247 -0.34 1.37 18.49
N ILE D 248 0.04 2.06 17.42
CA ILE D 248 -0.66 3.26 17.00
C ILE D 248 -2.11 2.96 16.58
N GLY D 249 -3.01 3.89 16.93
CA GLY D 249 -4.42 3.74 16.59
C GLY D 249 -5.37 4.72 17.28
PA NAP E . -15.04 15.66 -10.53
O1A NAP E . -14.65 17.00 -10.64
O2A NAP E . -16.30 14.86 -10.34
O5B NAP E . -13.81 14.80 -9.95
C5B NAP E . -13.87 13.36 -9.96
C4B NAP E . -12.76 12.90 -10.98
O4B NAP E . -12.92 11.44 -10.93
C3B NAP E . -13.06 13.25 -12.44
O3B NAP E . -11.75 13.31 -13.05
C2B NAP E . -13.88 12.08 -12.97
O2B NAP E . -13.79 11.87 -14.38
C1B NAP E . -13.32 10.86 -12.18
N9A NAP E . -14.35 9.89 -11.88
C8A NAP E . -15.67 10.06 -11.54
N7A NAP E . -16.32 8.93 -11.32
C5A NAP E . -15.34 7.97 -11.54
C6A NAP E . -15.43 6.57 -11.45
N6A NAP E . -16.53 5.85 -11.11
N1A NAP E . -14.28 5.85 -11.73
C2A NAP E . -13.09 6.50 -12.09
N3A NAP E . -12.97 7.86 -12.18
C4A NAP E . -14.12 8.56 -11.90
O3 NAP E . -15.31 16.06 -8.97
PN NAP E . -16.39 15.74 -7.77
O1N NAP E . -17.58 16.61 -7.89
O2N NAP E . -15.63 15.89 -6.52
O5D NAP E . -16.86 14.25 -8.06
C5D NAP E . -17.20 13.36 -6.95
C4D NAP E . -16.73 11.99 -7.33
O4D NAP E . -15.31 12.03 -7.57
C3D NAP E . -16.98 10.89 -6.26
O3D NAP E . -17.97 9.96 -6.69
C2D NAP E . -15.62 10.22 -6.03
O2D NAP E . -15.55 8.87 -6.47
C1D NAP E . -14.62 11.05 -6.75
N1N NAP E . -13.67 11.78 -5.86
C2N NAP E . -12.33 11.35 -5.71
C3N NAP E . -11.49 12.06 -4.86
C7N NAP E . -10.05 11.59 -4.70
O7N NAP E . -9.34 12.20 -3.95
N7N NAP E . -9.62 10.54 -5.37
C4N NAP E . -11.97 13.24 -4.12
C5N NAP E . -13.32 13.65 -4.30
C6N NAP E . -14.20 12.93 -5.17
P2B NAP E . -14.16 12.98 -15.53
O1X NAP E . -14.14 12.21 -16.86
O2X NAP E . -15.52 13.41 -15.13
O3X NAP E . -13.09 14.04 -15.50
PA NAP F . 1.02 -23.41 6.03
O1A NAP F . 2.25 -23.99 6.42
O2A NAP F . -0.14 -23.73 5.16
O5B NAP F . 1.16 -21.82 6.13
C5B NAP F . 0.04 -21.01 5.73
C4B NAP F . -0.24 -20.11 6.97
O4B NAP F . -1.42 -19.37 6.47
C3B NAP F . -0.77 -20.87 8.19
O3B NAP F . -0.41 -20.02 9.28
C2B NAP F . -2.28 -20.96 7.98
O2B NAP F . -3.07 -21.08 9.16
C1B NAP F . -2.60 -19.64 7.21
N9A NAP F . -3.68 -19.83 6.25
C8A NAP F . -3.93 -20.84 5.35
N7A NAP F . -5.02 -20.66 4.62
C5A NAP F . -5.50 -19.44 5.09
C6A NAP F . -6.64 -18.70 4.69
N6A NAP F . -7.52 -19.03 3.74
N1A NAP F . -6.87 -17.49 5.35
C2A NAP F . -6.01 -17.03 6.37
N3A NAP F . -4.89 -17.73 6.77
C4A NAP F . -4.68 -18.93 6.11
O3 NAP F . 1.77 -23.19 4.60
PN NAP F . 1.75 -23.87 3.14
O1N NAP F . 1.98 -25.32 3.25
O2N NAP F . 2.74 -23.13 2.34
O5D NAP F . 0.25 -23.67 2.67
C5D NAP F . -0.06 -22.88 1.48
C4D NAP F . -1.04 -21.83 1.88
O4D NAP F . -0.33 -20.76 2.52
C3D NAP F . -1.79 -21.18 0.68
O3D NAP F . -3.21 -21.20 0.91
C2D NAP F . -1.26 -19.75 0.57
O2D NAP F . -2.27 -18.79 0.38
C1D NAP F . -0.55 -19.50 1.85
N1N NAP F . 0.79 -18.87 1.71
C2N NAP F . 1.02 -17.56 2.16
C3N NAP F . 2.26 -17.00 2.00
C7N NAP F . 2.45 -15.58 2.49
O7N NAP F . 3.55 -15.10 2.35
N7N NAP F . 1.46 -14.94 3.03
C4N NAP F . 3.37 -17.75 1.39
C5N NAP F . 3.12 -19.08 0.96
C6N NAP F . 1.83 -19.68 1.11
P2B NAP F . -2.90 -22.27 10.28
O1X NAP F . -1.83 -21.80 11.27
O2X NAP F . -4.28 -22.33 10.86
O3X NAP F . -2.44 -23.50 9.52
PA NAP G . 18.24 -7.66 -13.68
O1A NAP G . 17.92 -8.69 -14.60
O2A NAP G . 19.37 -7.25 -12.81
O5B NAP G . 16.85 -7.13 -13.04
C5B NAP G . 16.82 -5.94 -12.23
C4B NAP G . 15.95 -4.92 -13.04
O4B NAP G . 15.95 -3.76 -12.14
C3B NAP G . 16.64 -4.38 -14.31
O3B NAP G . 15.56 -4.01 -15.18
C2B NAP G . 17.43 -3.17 -13.86
O2B NAP G . 17.60 -2.18 -14.87
C1B NAP G . 16.59 -2.61 -12.67
N9A NAP G . 17.41 -2.10 -11.62
C8A NAP G . 18.60 -2.54 -11.09
N7A NAP G . 19.05 -1.82 -10.10
C5A NAP G . 18.09 -0.84 -9.98
C6A NAP G . 18.01 0.22 -9.08
N6A NAP G . 18.90 0.52 -8.11
N1A NAP G . 16.91 1.08 -9.20
C2A NAP G . 15.92 0.86 -10.17
N3A NAP G . 15.96 -0.19 -11.07
C4A NAP G . 17.08 -1.00 -10.93
O3 NAP G . 18.10 -8.84 -12.55
PN NAP G . 18.95 -9.44 -11.29
O1N NAP G . 20.20 -10.06 -11.74
O2N NAP G . 18.02 -10.31 -10.54
O5D NAP G . 19.35 -8.11 -10.50
C5D NAP G . 19.30 -8.06 -9.05
C4D NAP G . 18.80 -6.68 -8.70
O4D NAP G . 17.46 -6.52 -9.23
C3D NAP G . 18.72 -6.43 -7.18
O3D NAP G . 19.71 -5.48 -6.78
C2D NAP G . 17.28 -5.96 -6.92
O2D NAP G . 17.18 -4.61 -6.50
C1D NAP G . 16.54 -6.15 -8.18
N1N NAP G . 15.46 -7.19 -8.14
C2N NAP G . 14.10 -6.81 -8.14
C3N NAP G . 13.12 -7.79 -8.08
C7N NAP G . 11.66 -7.34 -8.07
O7N NAP G . 10.81 -8.22 -8.00
N7N NAP G . 11.35 -6.08 -8.15
C4N NAP G . 13.48 -9.22 -8.00
C5N NAP G . 14.86 -9.57 -8.02
C6N NAP G . 15.88 -8.56 -8.08
P2B NAP G . 18.67 -2.34 -16.09
O1X NAP G . 19.10 -3.64 -16.73
O2X NAP G . 18.77 -1.02 -16.80
O3X NAP G . 17.39 -2.67 -16.83
PA NAP H . -4.32 15.45 18.09
O1A NAP H . -5.63 15.63 18.55
O2A NAP H . -3.06 16.26 17.97
O5B NAP H . -4.31 14.30 16.96
C5B NAP H . -3.05 13.74 16.54
C4B NAP H . -3.01 12.29 17.14
O4B NAP H . -1.68 11.84 16.66
C3B NAP H . -2.83 12.24 18.67
O3B NAP H . -3.23 10.89 18.99
C2B NAP H . -1.36 12.49 18.86
O2B NAP H . -0.78 12.25 20.16
C1B NAP H . -0.75 11.60 17.72
N9A NAP H . 0.52 12.11 17.28
C8A NAP H . 0.98 13.39 17.12
N7A NAP H . 2.21 13.48 16.66
C5A NAP H . 2.58 12.16 16.50
C6A NAP H . 3.78 11.62 16.04
N6A NAP H . 4.87 12.31 15.63
N1A NAP H . 3.87 10.22 15.99
C2A NAP H . 2.80 9.40 16.40
N3A NAP H . 1.60 9.92 16.86
C4A NAP H . 1.53 11.30 16.89
O3 NAP H . -4.81 16.39 16.88
PN NAP H . -4.19 17.53 15.91
O1N NAP H . -3.94 18.76 16.68
O2N NAP H . -5.12 17.63 14.75
O5D NAP H . -2.77 16.91 15.56
C5D NAP H . -1.90 17.48 14.54
C4D NAP H . -0.88 16.40 14.26
O4D NAP H . -1.55 15.14 14.13
C3D NAP H . -0.07 16.61 12.95
O3D NAP H . 1.29 16.91 13.24
C2D NAP H . -0.22 15.30 12.17
O2D NAP H . 0.96 14.56 12.07
C1D NAP H . -1.25 14.50 12.87
N1N NAP H . -2.54 14.29 12.14
C2N NAP H . -2.87 13.01 11.64
C3N NAP H . -4.05 12.85 10.94
C7N NAP H . -4.36 11.45 10.40
O7N NAP H . -5.39 11.31 9.78
N7N NAP H . -3.52 10.47 10.60
C4N NAP H . -4.99 13.97 10.73
C5N NAP H . -4.64 15.25 11.25
C6N NAP H . -3.41 15.44 11.96
P2B NAP H . -1.32 11.19 21.26
O1X NAP H . -0.47 10.19 22.03
O2X NAP H . -2.64 11.63 21.81
O3X NAP H . -0.59 12.17 22.14
#